data_4UFH
#
_entry.id   4UFH
#
_cell.length_a   247.215
_cell.length_b   247.215
_cell.length_c   77.252
_cell.angle_alpha   90.00
_cell.angle_beta   90.00
_cell.angle_gamma   120.00
#
_symmetry.space_group_name_H-M   'H 3 2'
#
loop_
_entity.id
_entity.type
_entity.pdbx_description
1 polymer GALACTOCEREBROSIDASE
2 branched 2-acetamido-2-deoxy-beta-D-glucopyranose-(1-4)-2-acetamido-2-deoxy-beta-D-glucopyranose
3 non-polymer D-galacto-isofagomine
4 non-polymer 'NICKEL (II) ION'
5 non-polymer 'CALCIUM ION'
6 non-polymer 'TETRAETHYLENE GLYCOL'
7 non-polymer 2-acetamido-2-deoxy-beta-D-glucopyranose
8 water water
#
_entity_poly.entity_id   1
_entity_poly.type   'polypeptide(L)'
_entity_poly.pdbx_seq_one_letter_code
;HHHHHHIEGRGAYVLDDSDGLGREFDGIGAVSGGGATSRLLVNYPEPYRSEILDYLFKPNFGASLHILKVEIGGDGQTTD
GTEPSHMHYELDENYFRGYEWWLMKEAKKRNPDIILMGLPWSFPGWLGKGFSWPYVNLQLTAYYVVRWILGAKHYHDLDI
DYIGIWNERPFDANYIKELRKMLDYQGLQRVRIIASDNLWEPISSSLLLDQELWKVVDVIGAHYPGTYTVWNAKMSGKKL
WSSEDFSTINSNVGAGCWSRILNQNYINGNMTSTIAWNLVASYYEELPYGRSGLMTAQEPWSGHYVVASPIWVSAHTTQF
TQPGWYYLKTVGHLEKGGSYVALTDGLGNLTIIIETMSHQHSMCIRPYLPYYNVSHQLATFTLKGSLREIQELQVWYTKL
GTPQQRLHFKQLDTLWLLDGSGSFTLELEEDEIFTLTTLTTGRKGSYPPPPSSKPFPTNYKDDFNVEYPLFSEAPNFADQ
TGVFEYYMNNEDREHRFTLRQVLNQRPITWAADASSTISVIGDHHWTNMTVQCDVYIETPRSGGVFIAGRVNKGGILIRS
ATGVFFWIFANGSYRVTADLGGWITYASGHADVTAKRWYTLTLGIKGYFAFGMLNGTILWKNVRVKYPGHGWAAIGTHTF
EFAQFDNFRVEAAR
;
_entity_poly.pdbx_strand_id   A
#
loop_
_chem_comp.id
_chem_comp.type
_chem_comp.name
_chem_comp.formula
CA non-polymer 'CALCIUM ION' 'Ca 2'
GIF non-polymer D-galacto-isofagomine 'C6 H13 N O3'
NAG D-saccharide, beta linking 2-acetamido-2-deoxy-beta-D-glucopyranose 'C8 H15 N O6'
NI non-polymer 'NICKEL (II) ION' 'Ni 2'
PG4 non-polymer 'TETRAETHYLENE GLYCOL' 'C8 H18 O5'
#
# COMPACT_ATOMS: atom_id res chain seq x y z
N GLY A 11 -12.96 11.54 37.28
CA GLY A 11 -11.56 11.58 37.69
C GLY A 11 -10.82 12.78 37.13
N ALA A 12 -9.79 13.21 37.85
CA ALA A 12 -8.97 14.33 37.40
C ALA A 12 -7.65 13.82 36.79
N TYR A 13 -7.28 14.40 35.65
CA TYR A 13 -6.04 14.01 34.99
C TYR A 13 -5.13 15.22 34.80
N VAL A 14 -3.97 15.18 35.44
CA VAL A 14 -3.03 16.31 35.40
C VAL A 14 -2.15 16.27 34.15
N LEU A 15 -2.14 17.38 33.41
CA LEU A 15 -1.24 17.53 32.28
C LEU A 15 -0.17 18.56 32.64
N ASP A 16 1.10 18.15 32.58
CA ASP A 16 2.18 18.99 33.10
C ASP A 16 3.53 18.66 32.48
N ASP A 17 4.37 19.68 32.33
CA ASP A 17 5.70 19.52 31.75
C ASP A 17 6.80 19.93 32.73
N SER A 18 6.46 19.97 34.02
CA SER A 18 7.37 20.50 35.03
C SER A 18 8.66 19.71 35.14
N ASP A 19 8.55 18.39 35.33
CA ASP A 19 9.74 17.55 35.43
C ASP A 19 10.03 16.80 34.13
N GLY A 20 9.96 17.50 33.01
CA GLY A 20 10.38 16.95 31.74
C GLY A 20 9.27 16.60 30.77
N LEU A 21 9.67 16.05 29.62
CA LEU A 21 8.72 15.66 28.58
C LEU A 21 8.86 14.16 28.28
N GLY A 22 7.93 13.65 27.47
CA GLY A 22 8.01 12.27 27.03
C GLY A 22 8.93 12.14 25.83
N ARG A 23 8.64 11.17 24.98
CA ARG A 23 9.47 10.95 23.79
C ARG A 23 9.08 11.88 22.64
N GLU A 24 10.03 12.12 21.76
CA GLU A 24 9.79 12.94 20.57
C GLU A 24 8.83 12.24 19.61
N PHE A 25 7.78 12.94 19.22
CA PHE A 25 6.82 12.43 18.25
C PHE A 25 7.45 12.44 16.85
N ASP A 26 7.28 11.35 16.12
CA ASP A 26 7.97 11.19 14.84
C ASP A 26 7.04 11.29 13.63
N GLY A 27 5.74 11.16 13.85
CA GLY A 27 4.78 11.37 12.78
C GLY A 27 3.84 10.22 12.51
N ILE A 28 2.72 10.51 11.87
CA ILE A 28 1.78 9.50 11.42
C ILE A 28 1.86 9.37 9.90
N GLY A 29 1.82 8.14 9.42
CA GLY A 29 1.96 7.91 7.99
C GLY A 29 1.11 6.78 7.46
N ALA A 30 1.37 6.43 6.20
CA ALA A 30 0.67 5.34 5.53
C ALA A 30 1.58 4.68 4.50
N VAL A 31 1.20 3.49 4.06
CA VAL A 31 2.03 2.74 3.12
C VAL A 31 1.37 2.64 1.75
N SER A 32 2.11 3.03 0.72
CA SER A 32 1.73 2.73 -0.64
C SER A 32 2.62 1.60 -1.14
N GLY A 33 2.04 0.42 -1.32
CA GLY A 33 2.81 -0.72 -1.75
C GLY A 33 2.49 -1.97 -0.97
N GLY A 34 3.16 -3.05 -1.31
CA GLY A 34 2.83 -4.36 -0.78
C GLY A 34 1.36 -4.71 -0.82
N GLY A 35 0.76 -4.78 -2.01
CA GLY A 35 1.45 -4.56 -3.27
C GLY A 35 0.51 -4.01 -4.32
N ALA A 36 0.95 -2.96 -5.01
CA ALA A 36 0.14 -2.30 -6.04
C ALA A 36 -1.18 -1.79 -5.47
N THR A 37 -1.10 -1.17 -4.29
CA THR A 37 -2.30 -0.67 -3.62
C THR A 37 -2.74 0.66 -4.23
N SER A 38 -1.81 1.37 -4.85
CA SER A 38 -2.11 2.63 -5.50
C SER A 38 -2.28 2.45 -7.01
N ARG A 39 -2.57 1.22 -7.42
CA ARG A 39 -2.58 0.85 -8.83
C ARG A 39 -3.60 1.62 -9.67
N LEU A 40 -4.82 1.72 -9.18
CA LEU A 40 -5.92 2.30 -9.95
C LEU A 40 -6.05 3.81 -9.79
N LEU A 41 -5.21 4.39 -8.94
CA LEU A 41 -5.27 5.83 -8.69
C LEU A 41 -4.72 6.65 -9.84
N VAL A 42 -3.71 6.11 -10.53
CA VAL A 42 -2.94 6.88 -11.48
C VAL A 42 -3.73 7.34 -12.72
N ASN A 43 -4.73 6.57 -13.11
CA ASN A 43 -5.50 6.89 -14.31
C ASN A 43 -6.84 7.53 -13.99
N TYR A 44 -6.97 8.06 -12.77
CA TYR A 44 -8.12 8.87 -12.42
C TYR A 44 -8.09 10.15 -13.25
N PRO A 45 -9.24 10.54 -13.81
CA PRO A 45 -9.30 11.80 -14.56
C PRO A 45 -9.14 12.97 -13.60
N GLU A 46 -8.69 14.11 -14.11
CA GLU A 46 -8.71 15.31 -13.29
C GLU A 46 -10.16 15.82 -13.27
N PRO A 47 -10.54 16.56 -12.22
CA PRO A 47 -9.71 16.99 -11.07
C PRO A 47 -9.63 15.95 -9.96
N TYR A 48 -10.31 14.83 -10.13
CA TYR A 48 -10.51 13.87 -9.04
C TYR A 48 -9.22 13.31 -8.49
N ARG A 49 -8.31 12.92 -9.38
CA ARG A 49 -7.02 12.37 -8.99
C ARG A 49 -6.28 13.34 -8.06
N SER A 50 -6.35 14.62 -8.38
CA SER A 50 -5.66 15.64 -7.60
C SER A 50 -6.36 15.93 -6.27
N GLU A 51 -7.67 15.74 -6.25
CA GLU A 51 -8.45 15.93 -5.03
C GLU A 51 -8.12 14.86 -4.00
N ILE A 52 -8.04 13.61 -4.48
CA ILE A 52 -7.68 12.48 -3.65
C ILE A 52 -6.34 12.69 -2.96
N LEU A 53 -5.35 13.13 -3.74
CA LEU A 53 -4.03 13.42 -3.21
C LEU A 53 -4.05 14.56 -2.19
N ASP A 54 -4.95 15.51 -2.39
CA ASP A 54 -5.12 16.62 -1.44
C ASP A 54 -5.67 16.12 -0.12
N TYR A 55 -6.65 15.22 -0.19
CA TYR A 55 -7.22 14.62 1.01
C TYR A 55 -6.17 13.86 1.81
N LEU A 56 -5.16 13.35 1.11
CA LEU A 56 -4.11 12.56 1.74
C LEU A 56 -2.96 13.41 2.25
N PHE A 57 -2.47 14.33 1.42
CA PHE A 57 -1.19 14.97 1.69
C PHE A 57 -1.20 16.48 1.89
N LYS A 58 -2.27 17.16 1.50
CA LYS A 58 -2.31 18.61 1.71
C LYS A 58 -2.45 18.93 3.19
N PRO A 59 -1.52 19.74 3.72
CA PRO A 59 -1.54 20.17 5.12
C PRO A 59 -2.79 20.96 5.47
N ASN A 60 -3.31 20.74 6.68
CA ASN A 60 -4.51 21.43 7.16
C ASN A 60 -5.69 21.27 6.21
N PHE A 61 -5.87 20.06 5.70
CA PHE A 61 -6.96 19.77 4.79
C PHE A 61 -7.66 18.46 5.16
N GLY A 62 -7.04 17.35 4.81
CA GLY A 62 -7.59 16.05 5.11
C GLY A 62 -6.71 15.25 6.08
N ALA A 63 -6.25 14.09 5.63
CA ALA A 63 -5.42 13.23 6.46
C ALA A 63 -4.12 13.91 6.84
N SER A 64 -3.64 14.80 5.98
CA SER A 64 -2.46 15.63 6.24
C SER A 64 -1.28 14.80 6.76
N LEU A 65 -0.96 13.72 6.05
CA LEU A 65 0.01 12.74 6.53
C LEU A 65 1.41 13.32 6.66
N HIS A 66 2.11 12.92 7.71
CA HIS A 66 3.48 13.36 7.96
C HIS A 66 4.49 12.48 7.25
N ILE A 67 4.08 11.24 6.98
CA ILE A 67 5.00 10.22 6.50
C ILE A 67 4.40 9.44 5.33
N LEU A 68 5.21 9.23 4.29
CA LEU A 68 4.81 8.34 3.20
C LEU A 68 5.84 7.23 3.01
N LYS A 69 5.38 5.99 3.14
CA LYS A 69 6.23 4.84 2.94
C LYS A 69 5.83 4.10 1.67
N VAL A 70 6.79 3.80 0.81
CA VAL A 70 6.50 3.08 -0.41
C VAL A 70 7.30 1.80 -0.55
N GLU A 71 6.73 0.82 -1.23
CA GLU A 71 7.45 -0.39 -1.58
C GLU A 71 8.49 -0.09 -2.66
N ILE A 72 9.70 -0.59 -2.46
CA ILE A 72 10.68 -0.63 -3.52
C ILE A 72 10.43 -1.88 -4.34
N GLY A 73 9.72 -1.72 -5.45
CA GLY A 73 9.30 -2.83 -6.29
C GLY A 73 10.44 -3.75 -6.70
N GLY A 74 10.19 -5.05 -6.62
CA GLY A 74 11.18 -6.05 -6.96
C GLY A 74 10.63 -7.07 -7.94
N ASP A 75 9.58 -6.67 -8.64
CA ASP A 75 8.94 -7.45 -9.71
C ASP A 75 8.12 -8.65 -9.24
N GLY A 76 8.09 -8.88 -7.92
CA GLY A 76 7.31 -9.98 -7.38
C GLY A 76 5.92 -9.58 -6.90
N GLN A 77 5.04 -10.56 -6.77
CA GLN A 77 3.72 -10.37 -6.17
C GLN A 77 3.88 -10.05 -4.69
N THR A 78 3.25 -8.97 -4.22
CA THR A 78 3.51 -8.51 -2.86
C THR A 78 2.26 -8.16 -2.05
N THR A 79 1.09 -8.59 -2.54
CA THR A 79 -0.20 -8.76 -1.81
C THR A 79 -1.41 -8.52 -2.70
N ASP A 80 -1.41 -7.42 -3.46
CA ASP A 80 -2.51 -7.10 -4.36
C ASP A 80 -2.01 -6.92 -5.79
N GLY A 81 -0.79 -7.38 -6.03
CA GLY A 81 -0.19 -7.28 -7.36
C GLY A 81 1.31 -7.19 -7.29
N THR A 82 1.94 -7.11 -8.46
CA THR A 82 3.38 -6.93 -8.53
C THR A 82 3.68 -5.45 -8.74
N GLU A 83 4.87 -5.02 -8.35
CA GLU A 83 5.31 -3.67 -8.65
C GLU A 83 6.69 -3.74 -9.31
N PRO A 84 6.87 -2.98 -10.40
CA PRO A 84 8.09 -3.06 -11.21
C PRO A 84 9.34 -2.57 -10.50
N SER A 85 10.44 -3.27 -10.71
CA SER A 85 11.73 -2.88 -10.16
C SER A 85 12.43 -1.88 -11.07
N HIS A 86 13.42 -1.19 -10.51
CA HIS A 86 14.24 -0.28 -11.29
C HIS A 86 15.35 -1.05 -12.00
N MET A 87 15.45 -2.34 -11.70
CA MET A 87 16.43 -3.22 -12.33
C MET A 87 15.85 -4.60 -12.62
N HIS A 88 15.16 -4.74 -13.76
CA HIS A 88 14.60 -6.02 -14.16
C HIS A 88 15.69 -7.05 -14.38
N TYR A 89 16.81 -6.56 -14.88
CA TYR A 89 17.93 -7.42 -15.18
C TYR A 89 19.23 -6.78 -14.75
N GLU A 90 20.27 -7.58 -14.65
N GLU A 90 20.24 -7.62 -14.66
CA GLU A 90 21.56 -6.98 -14.35
CA GLU A 90 21.65 -7.24 -14.67
C GLU A 90 21.96 -6.12 -15.54
C GLU A 90 21.94 -6.08 -15.66
N LEU A 91 22.61 -5.02 -15.19
CA LEU A 91 22.95 -3.88 -16.06
C LEU A 91 21.76 -3.04 -16.51
N ASP A 92 20.57 -3.33 -15.98
CA ASP A 92 19.39 -2.54 -16.32
C ASP A 92 19.12 -1.46 -15.27
N GLU A 93 18.98 -0.22 -15.70
CA GLU A 93 18.56 0.86 -14.81
C GLU A 93 17.43 1.67 -15.43
N ASN A 94 16.34 1.82 -14.70
CA ASN A 94 15.20 2.59 -15.16
C ASN A 94 14.42 3.13 -13.95
N TYR A 95 14.42 4.45 -13.80
CA TYR A 95 13.82 5.09 -12.64
C TYR A 95 12.50 5.77 -12.97
N PHE A 96 11.80 5.24 -13.96
CA PHE A 96 10.52 5.80 -14.37
C PHE A 96 9.47 4.71 -14.57
N ARG A 97 9.68 3.56 -13.94
CA ARG A 97 8.69 2.50 -13.96
C ARG A 97 7.74 2.64 -12.77
N GLY A 98 6.50 2.22 -12.96
CA GLY A 98 5.53 2.21 -11.88
C GLY A 98 4.97 3.58 -11.53
N TYR A 99 4.56 3.75 -10.28
CA TYR A 99 3.85 4.94 -9.87
C TYR A 99 4.28 5.47 -8.51
N GLU A 100 5.27 4.84 -7.88
CA GLU A 100 5.70 5.29 -6.57
C GLU A 100 6.54 6.56 -6.68
N TRP A 101 7.27 6.71 -7.76
CA TRP A 101 8.00 7.95 -8.03
C TRP A 101 7.02 9.12 -8.12
N TRP A 102 5.97 8.91 -8.92
CA TRP A 102 4.95 9.93 -9.14
C TRP A 102 4.21 10.30 -7.85
N LEU A 103 3.84 9.28 -7.08
CA LEU A 103 3.12 9.50 -5.82
C LEU A 103 3.95 10.28 -4.81
N MET A 104 5.22 9.92 -4.69
CA MET A 104 6.13 10.61 -3.78
C MET A 104 6.28 12.07 -4.17
N LYS A 105 6.36 12.35 -5.47
CA LYS A 105 6.50 13.72 -5.96
C LYS A 105 5.23 14.52 -5.71
N GLU A 106 4.08 13.89 -5.89
CA GLU A 106 2.80 14.54 -5.61
C GLU A 106 2.68 14.88 -4.13
N ALA A 107 3.19 13.98 -3.29
CA ALA A 107 3.17 14.18 -1.85
C ALA A 107 4.06 15.36 -1.46
N LYS A 108 5.26 15.42 -2.03
CA LYS A 108 6.21 16.48 -1.72
C LYS A 108 5.74 17.86 -2.17
N LYS A 109 5.03 17.92 -3.29
CA LYS A 109 4.52 19.18 -3.81
C LYS A 109 3.50 19.78 -2.84
N ARG A 110 2.67 18.93 -2.25
CA ARG A 110 1.67 19.37 -1.30
C ARG A 110 2.28 19.62 0.08
N ASN A 111 3.16 18.73 0.49
CA ASN A 111 3.87 18.88 1.76
C ASN A 111 5.35 18.62 1.59
N PRO A 112 6.15 19.69 1.46
CA PRO A 112 7.60 19.60 1.27
C PRO A 112 8.32 18.97 2.45
N ASP A 113 7.68 18.94 3.61
CA ASP A 113 8.30 18.42 4.82
C ASP A 113 7.92 16.96 5.10
N ILE A 114 7.17 16.35 4.18
CA ILE A 114 6.72 14.98 4.37
C ILE A 114 7.92 14.04 4.45
N ILE A 115 7.80 13.01 5.28
CA ILE A 115 8.88 12.06 5.48
C ILE A 115 8.73 10.89 4.52
N LEU A 116 9.79 10.59 3.78
CA LEU A 116 9.75 9.53 2.77
C LEU A 116 10.53 8.29 3.21
N MET A 117 9.88 7.13 3.10
CA MET A 117 10.49 5.86 3.43
C MET A 117 10.34 4.86 2.28
N GLY A 118 11.35 4.01 2.10
CA GLY A 118 11.28 2.95 1.11
C GLY A 118 11.64 1.60 1.73
N LEU A 119 10.94 0.56 1.29
CA LEU A 119 11.17 -0.78 1.84
C LEU A 119 10.90 -1.85 0.78
N PRO A 120 11.86 -2.76 0.58
CA PRO A 120 11.68 -3.88 -0.35
C PRO A 120 10.81 -5.00 0.23
N TRP A 121 9.90 -5.50 -0.60
CA TRP A 121 9.13 -6.70 -0.31
C TRP A 121 9.78 -7.89 -1.04
N SER A 122 10.01 -7.69 -2.33
CA SER A 122 10.64 -8.71 -3.16
C SER A 122 11.84 -8.13 -3.89
N PHE A 123 12.59 -9.00 -4.58
CA PHE A 123 13.78 -8.59 -5.32
C PHE A 123 13.79 -9.27 -6.68
N PRO A 124 14.41 -8.63 -7.68
CA PRO A 124 14.63 -9.30 -8.96
C PRO A 124 15.46 -10.58 -8.78
N GLY A 125 15.10 -11.63 -9.49
CA GLY A 125 15.76 -12.92 -9.34
C GLY A 125 17.26 -12.92 -9.54
N TRP A 126 17.75 -12.04 -10.41
CA TRP A 126 19.16 -12.04 -10.77
C TRP A 126 20.06 -11.63 -9.59
N LEU A 127 19.47 -10.99 -8.58
CA LEU A 127 20.20 -10.61 -7.38
C LEU A 127 20.63 -11.83 -6.57
N GLY A 128 19.86 -12.90 -6.69
CA GLY A 128 20.12 -14.11 -5.92
C GLY A 128 21.25 -14.95 -6.47
N LYS A 129 21.64 -14.67 -7.71
CA LYS A 129 22.73 -15.39 -8.38
C LYS A 129 22.51 -16.89 -8.41
N GLY A 130 21.28 -17.31 -8.71
CA GLY A 130 20.95 -18.72 -8.79
C GLY A 130 20.07 -19.19 -7.65
N PHE A 131 20.21 -18.55 -6.50
CA PHE A 131 19.41 -18.89 -5.34
C PHE A 131 18.29 -17.87 -5.18
N SER A 132 17.20 -18.28 -4.54
CA SER A 132 16.10 -17.36 -4.24
C SER A 132 16.34 -16.70 -2.90
N TRP A 133 17.39 -15.89 -2.82
CA TRP A 133 17.86 -15.37 -1.53
C TRP A 133 18.69 -14.10 -1.72
N PRO A 134 18.27 -13.00 -1.06
CA PRO A 134 18.89 -11.68 -1.22
C PRO A 134 20.20 -11.50 -0.45
N TYR A 135 20.62 -12.52 0.30
CA TYR A 135 21.82 -12.41 1.12
C TYR A 135 22.96 -13.28 0.62
N VAL A 136 22.89 -13.70 -0.64
CA VAL A 136 23.98 -14.44 -1.26
C VAL A 136 25.18 -13.52 -1.46
N ASN A 137 24.93 -12.36 -2.06
CA ASN A 137 25.93 -11.33 -2.23
C ASN A 137 25.44 -10.04 -1.60
N LEU A 138 25.91 -9.76 -0.39
CA LEU A 138 25.40 -8.64 0.39
C LEU A 138 25.65 -7.30 -0.28
N GLN A 139 26.84 -7.13 -0.86
N GLN A 139 26.84 -7.17 -0.87
CA GLN A 139 27.21 -5.89 -1.50
CA GLN A 139 27.25 -5.94 -1.52
C GLN A 139 26.33 -5.62 -2.73
C GLN A 139 26.37 -5.64 -2.74
N LEU A 140 25.97 -6.69 -3.44
CA LEU A 140 25.13 -6.57 -4.62
C LEU A 140 23.72 -6.12 -4.27
N THR A 141 23.13 -6.75 -3.26
CA THR A 141 21.80 -6.37 -2.82
C THR A 141 21.80 -4.92 -2.29
N ALA A 142 22.85 -4.56 -1.57
CA ALA A 142 23.01 -3.20 -1.07
C ALA A 142 23.16 -2.20 -2.21
N TYR A 143 23.89 -2.61 -3.24
CA TYR A 143 24.07 -1.80 -4.45
C TYR A 143 22.72 -1.49 -5.10
N TYR A 144 21.91 -2.53 -5.25
CA TYR A 144 20.56 -2.43 -5.80
C TYR A 144 19.69 -1.44 -5.05
N VAL A 145 19.65 -1.58 -3.72
CA VAL A 145 18.80 -0.73 -2.90
C VAL A 145 19.25 0.73 -2.91
N VAL A 146 20.56 0.94 -2.83
CA VAL A 146 21.12 2.29 -2.77
C VAL A 146 20.96 3.04 -4.11
N ARG A 147 21.05 2.29 -5.21
CA ARG A 147 20.80 2.85 -6.54
C ARG A 147 19.38 3.44 -6.61
N TRP A 148 18.46 2.80 -5.90
CA TRP A 148 17.07 3.25 -5.86
C TRP A 148 16.97 4.61 -5.17
N ILE A 149 17.74 4.79 -4.11
CA ILE A 149 17.75 6.03 -3.35
C ILE A 149 18.42 7.16 -4.15
N LEU A 150 19.53 6.84 -4.80
CA LEU A 150 20.22 7.80 -5.65
C LEU A 150 19.32 8.25 -6.80
N GLY A 151 18.64 7.30 -7.42
CA GLY A 151 17.72 7.58 -8.50
C GLY A 151 16.58 8.48 -8.08
N ALA A 152 16.10 8.27 -6.86
CA ALA A 152 15.04 9.10 -6.29
C ALA A 152 15.48 10.55 -6.21
N LYS A 153 16.72 10.77 -5.83
CA LYS A 153 17.24 12.13 -5.72
C LYS A 153 17.60 12.74 -7.08
N HIS A 154 18.26 11.95 -7.93
CA HIS A 154 18.82 12.48 -9.17
C HIS A 154 17.78 12.69 -10.26
N TYR A 155 16.75 11.85 -10.29
CA TYR A 155 15.75 11.93 -11.35
C TYR A 155 14.45 12.58 -10.88
N HIS A 156 14.23 12.63 -9.58
CA HIS A 156 12.94 13.10 -9.06
C HIS A 156 13.08 14.14 -7.95
N ASP A 157 14.31 14.47 -7.59
CA ASP A 157 14.59 15.44 -6.52
C ASP A 157 13.96 14.98 -5.20
N LEU A 158 13.94 13.66 -4.97
CA LEU A 158 13.37 13.09 -3.77
C LEU A 158 14.44 12.68 -2.76
N ASP A 159 14.32 13.19 -1.55
CA ASP A 159 15.19 12.79 -0.45
C ASP A 159 14.52 11.69 0.36
N ILE A 160 15.00 10.46 0.21
CA ILE A 160 14.50 9.34 1.00
C ILE A 160 15.10 9.43 2.40
N ASP A 161 14.22 9.48 3.41
CA ASP A 161 14.66 9.65 4.78
C ASP A 161 14.97 8.33 5.48
N TYR A 162 14.18 7.31 5.21
CA TYR A 162 14.35 6.02 5.89
C TYR A 162 14.37 4.84 4.94
N ILE A 163 15.36 3.97 5.10
CA ILE A 163 15.45 2.75 4.30
C ILE A 163 15.29 1.52 5.18
N GLY A 164 14.46 0.57 4.73
CA GLY A 164 14.22 -0.66 5.45
C GLY A 164 15.04 -1.82 4.91
N ILE A 165 14.80 -3.01 5.46
CA ILE A 165 15.62 -4.18 5.11
C ILE A 165 14.89 -5.12 4.14
N TRP A 166 14.02 -5.97 4.68
CA TRP A 166 13.24 -6.90 3.88
C TRP A 166 11.92 -7.17 4.58
N ASN A 167 10.84 -6.62 4.03
CA ASN A 167 9.52 -6.62 4.68
C ASN A 167 9.03 -7.95 5.22
N GLU A 168 8.91 -8.04 6.55
CA GLU A 168 8.37 -9.20 7.25
C GLU A 168 9.11 -10.49 6.88
N ARG A 169 10.40 -10.34 6.62
CA ARG A 169 11.26 -11.44 6.24
C ARG A 169 12.54 -11.34 7.05
N PRO A 170 13.30 -12.45 7.17
CA PRO A 170 14.53 -12.42 7.98
C PRO A 170 15.51 -11.35 7.56
N PHE A 171 16.18 -10.74 8.52
CA PHE A 171 17.26 -9.82 8.22
C PHE A 171 18.60 -10.53 8.37
N ASP A 172 19.62 -9.96 7.74
CA ASP A 172 20.99 -10.42 7.92
C ASP A 172 21.75 -9.25 8.53
N ALA A 173 22.38 -9.49 9.68
CA ALA A 173 23.06 -8.41 10.40
C ALA A 173 24.20 -7.83 9.58
N ASN A 174 24.92 -8.69 8.87
CA ASN A 174 26.01 -8.25 8.03
C ASN A 174 25.51 -7.42 6.85
N TYR A 175 24.33 -7.73 6.35
CA TYR A 175 23.73 -6.93 5.29
C TYR A 175 23.42 -5.52 5.76
N ILE A 176 22.82 -5.40 6.94
CA ILE A 176 22.47 -4.10 7.49
C ILE A 176 23.72 -3.25 7.62
N LYS A 177 24.82 -3.87 8.08
CA LYS A 177 26.09 -3.17 8.20
C LYS A 177 26.66 -2.78 6.83
N GLU A 178 26.53 -3.67 5.86
CA GLU A 178 27.00 -3.38 4.51
C GLU A 178 26.16 -2.28 3.86
N LEU A 179 24.86 -2.30 4.12
CA LEU A 179 23.95 -1.26 3.66
C LEU A 179 24.36 0.10 4.18
N ARG A 180 24.73 0.16 5.46
CA ARG A 180 25.16 1.42 6.07
C ARG A 180 26.45 1.93 5.44
N LYS A 181 27.39 1.02 5.21
CA LYS A 181 28.66 1.38 4.57
C LYS A 181 28.43 1.86 3.13
N MET A 182 27.56 1.17 2.42
CA MET A 182 27.23 1.52 1.04
C MET A 182 26.57 2.90 0.97
N LEU A 183 25.67 3.16 1.91
CA LEU A 183 24.98 4.43 2.00
C LEU A 183 25.95 5.59 2.24
N ASP A 184 26.84 5.42 3.22
CA ASP A 184 27.79 6.45 3.58
C ASP A 184 28.80 6.69 2.46
N TYR A 185 29.12 5.63 1.73
CA TYR A 185 30.10 5.70 0.65
C TYR A 185 29.56 6.54 -0.50
N GLN A 186 28.25 6.54 -0.66
CA GLN A 186 27.61 7.31 -1.73
C GLN A 186 27.16 8.68 -1.24
N GLY A 187 27.62 9.07 -0.06
CA GLY A 187 27.28 10.37 0.49
C GLY A 187 25.85 10.44 0.99
N LEU A 188 25.32 9.31 1.45
CA LEU A 188 23.95 9.27 1.96
C LEU A 188 23.92 9.02 3.47
N GLN A 189 24.82 9.67 4.20
CA GLN A 189 24.86 9.58 5.65
C GLN A 189 23.55 10.04 6.29
N ARG A 190 22.90 10.99 5.62
N ARG A 190 22.87 10.98 5.63
CA ARG A 190 21.61 11.55 6.03
CA ARG A 190 21.63 11.52 6.17
C ARG A 190 20.51 10.50 6.13
C ARG A 190 20.50 10.49 6.15
N VAL A 191 20.60 9.49 5.27
CA VAL A 191 19.59 8.44 5.21
C VAL A 191 19.69 7.54 6.43
N ARG A 192 18.55 7.23 7.02
N ARG A 192 18.55 7.24 7.03
CA ARG A 192 18.50 6.41 8.23
CA ARG A 192 18.53 6.42 8.25
C ARG A 192 17.95 5.02 7.95
C ARG A 192 17.95 5.04 7.98
N ILE A 193 18.40 4.05 8.76
CA ILE A 193 17.99 2.67 8.59
C ILE A 193 16.97 2.27 9.67
N ILE A 194 15.87 1.69 9.24
CA ILE A 194 14.88 1.13 10.14
C ILE A 194 14.85 -0.40 9.98
N ALA A 195 14.78 -1.10 11.10
CA ALA A 195 14.84 -2.56 11.10
C ALA A 195 13.91 -3.15 12.15
N SER A 196 13.35 -4.34 11.91
CA SER A 196 13.56 -5.08 10.67
C SER A 196 12.23 -5.27 9.95
N ASP A 197 11.28 -4.40 10.27
CA ASP A 197 9.95 -4.42 9.69
C ASP A 197 9.30 -5.80 9.79
N ASN A 198 9.43 -6.42 10.96
CA ASN A 198 8.83 -7.71 11.22
C ASN A 198 8.31 -7.75 12.66
N LEU A 199 8.91 -8.61 13.50
CA LEU A 199 8.56 -8.67 14.91
C LEU A 199 9.61 -7.92 15.73
N TRP A 200 9.34 -7.72 17.02
CA TRP A 200 10.28 -7.06 17.90
C TRP A 200 11.57 -7.87 18.00
N GLU A 201 11.44 -9.18 17.93
CA GLU A 201 12.59 -10.07 17.95
C GLU A 201 12.74 -10.76 16.59
N PRO A 202 13.98 -11.11 16.21
CA PRO A 202 15.21 -11.00 17.01
C PRO A 202 15.97 -9.68 16.89
N ILE A 203 15.40 -8.67 16.24
CA ILE A 203 16.16 -7.43 16.02
C ILE A 203 16.49 -6.71 17.34
N SER A 204 15.57 -6.73 18.29
CA SER A 204 15.77 -6.05 19.58
C SER A 204 16.95 -6.62 20.36
N SER A 205 16.94 -7.94 20.56
CA SER A 205 18.04 -8.58 21.29
C SER A 205 19.35 -8.51 20.50
N SER A 206 19.25 -8.53 19.16
CA SER A 206 20.44 -8.43 18.32
C SER A 206 21.15 -7.10 18.54
N LEU A 207 20.38 -6.04 18.72
CA LEU A 207 20.94 -4.71 18.98
C LEU A 207 21.66 -4.66 20.32
N LEU A 208 21.15 -5.38 21.31
CA LEU A 208 21.76 -5.40 22.65
C LEU A 208 23.05 -6.21 22.67
N LEU A 209 23.12 -7.23 21.83
CA LEU A 209 24.25 -8.14 21.81
C LEU A 209 25.36 -7.65 20.90
N ASP A 210 25.02 -6.80 19.93
CA ASP A 210 25.97 -6.36 18.93
C ASP A 210 26.09 -4.85 18.90
N GLN A 211 27.22 -4.35 19.38
CA GLN A 211 27.50 -2.92 19.46
C GLN A 211 27.55 -2.25 18.08
N GLU A 212 28.19 -2.91 17.12
CA GLU A 212 28.30 -2.38 15.77
C GLU A 212 26.96 -2.33 15.05
N LEU A 213 26.10 -3.29 15.34
CA LEU A 213 24.77 -3.33 14.76
C LEU A 213 23.90 -2.23 15.37
N TRP A 214 24.07 -1.98 16.66
CA TRP A 214 23.33 -0.94 17.35
C TRP A 214 23.60 0.43 16.71
N LYS A 215 24.85 0.65 16.33
CA LYS A 215 25.28 1.93 15.77
C LYS A 215 24.70 2.23 14.39
N VAL A 216 24.37 1.18 13.63
CA VAL A 216 23.93 1.37 12.25
C VAL A 216 22.40 1.36 12.11
N VAL A 217 21.71 0.97 13.18
CA VAL A 217 20.25 0.98 13.17
C VAL A 217 19.74 2.18 13.94
N ASP A 218 18.88 2.98 13.31
CA ASP A 218 18.39 4.21 13.92
C ASP A 218 17.01 4.02 14.55
N VAL A 219 16.20 3.18 13.92
CA VAL A 219 14.82 2.98 14.37
C VAL A 219 14.47 1.49 14.37
N ILE A 220 13.85 1.03 15.45
CA ILE A 220 13.25 -0.30 15.45
C ILE A 220 11.80 -0.21 15.01
N GLY A 221 11.48 -0.86 13.90
CA GLY A 221 10.13 -0.84 13.36
C GLY A 221 9.47 -2.20 13.42
N ALA A 222 8.37 -2.27 14.17
CA ALA A 222 7.64 -3.53 14.31
C ALA A 222 6.30 -3.47 13.60
N HIS A 223 5.78 -4.62 13.21
CA HIS A 223 4.51 -4.69 12.50
C HIS A 223 3.41 -5.27 13.37
N TYR A 224 2.28 -4.56 13.39
CA TYR A 224 1.07 -4.98 14.09
C TYR A 224 1.34 -5.47 15.52
N PRO A 225 1.95 -4.60 16.35
CA PRO A 225 2.41 -4.99 17.68
C PRO A 225 1.31 -5.05 18.74
N GLY A 226 0.09 -4.71 18.36
CA GLY A 226 -1.02 -4.73 19.30
C GLY A 226 -0.86 -3.68 20.38
N THR A 227 -0.29 -2.55 20.01
CA THR A 227 -0.04 -1.39 20.88
C THR A 227 1.04 -1.62 21.93
N TYR A 228 1.57 -2.83 22.00
CA TYR A 228 2.63 -3.13 22.98
C TYR A 228 3.98 -3.35 22.33
N THR A 229 5.04 -3.18 23.12
CA THR A 229 6.39 -3.49 22.68
C THR A 229 6.97 -4.58 23.59
N VAL A 230 8.29 -4.76 23.56
CA VAL A 230 8.94 -5.74 24.43
C VAL A 230 10.12 -5.08 25.15
N TRP A 231 10.56 -5.71 26.24
CA TRP A 231 11.55 -5.11 27.13
C TRP A 231 12.87 -4.77 26.43
N ASN A 232 13.37 -5.69 25.62
CA ASN A 232 14.64 -5.47 24.92
C ASN A 232 14.59 -4.25 24.01
N ALA A 233 13.42 -3.97 23.45
CA ALA A 233 13.25 -2.80 22.59
C ALA A 233 13.34 -1.51 23.40
N LYS A 234 12.75 -1.51 24.59
CA LYS A 234 12.89 -0.38 25.51
C LYS A 234 14.36 -0.19 25.90
N MET A 235 15.03 -1.30 26.20
CA MET A 235 16.42 -1.27 26.65
C MET A 235 17.38 -0.72 25.61
N SER A 236 17.06 -0.93 24.33
CA SER A 236 17.91 -0.48 23.24
C SER A 236 18.05 1.03 23.21
N GLY A 237 17.01 1.72 23.70
CA GLY A 237 17.01 3.17 23.69
C GLY A 237 16.78 3.74 22.31
N LYS A 238 16.36 2.89 21.38
CA LYS A 238 16.05 3.33 20.02
C LYS A 238 14.65 3.88 19.93
N LYS A 239 14.40 4.69 18.91
CA LYS A 239 13.04 5.06 18.56
C LYS A 239 12.28 3.80 18.19
N LEU A 240 11.04 3.71 18.65
CA LEU A 240 10.21 2.54 18.37
C LEU A 240 9.03 2.96 17.52
N TRP A 241 8.85 2.31 16.38
CA TRP A 241 7.74 2.65 15.50
C TRP A 241 6.83 1.45 15.25
N SER A 242 5.54 1.71 15.13
CA SER A 242 4.63 0.74 14.53
C SER A 242 4.71 0.97 13.03
N SER A 243 5.73 0.39 12.40
CA SER A 243 6.08 0.69 11.01
C SER A 243 5.05 0.15 10.01
N GLU A 244 4.16 -0.71 10.49
CA GLU A 244 3.00 -1.12 9.68
C GLU A 244 1.88 -1.60 10.59
N ASP A 245 0.70 -1.02 10.44
CA ASP A 245 -0.44 -1.35 11.27
C ASP A 245 -1.75 -1.26 10.48
N PHE A 246 -2.87 -1.22 11.20
CA PHE A 246 -4.19 -1.03 10.60
C PHE A 246 -4.63 -2.24 9.76
N SER A 247 -4.53 -2.11 8.44
CA SER A 247 -4.89 -3.18 7.51
C SER A 247 -6.32 -3.69 7.71
N THR A 248 -7.22 -2.77 8.08
CA THR A 248 -8.62 -3.11 8.34
C THR A 248 -9.51 -2.33 7.38
N ILE A 249 -10.65 -2.92 7.00
CA ILE A 249 -11.62 -2.28 6.12
C ILE A 249 -12.01 -0.90 6.66
N ASN A 250 -11.99 0.11 5.78
CA ASN A 250 -12.16 1.49 6.21
C ASN A 250 -13.59 1.89 6.54
N SER A 251 -14.32 0.99 7.19
CA SER A 251 -15.64 1.32 7.71
C SER A 251 -15.47 2.09 9.01
N ASN A 252 -16.56 2.33 9.72
CA ASN A 252 -16.51 2.99 11.01
C ASN A 252 -15.68 2.17 12.00
N VAL A 253 -15.73 0.85 11.85
CA VAL A 253 -15.00 -0.07 12.71
C VAL A 253 -13.49 0.07 12.53
N GLY A 254 -13.05 0.11 11.27
CA GLY A 254 -11.66 0.31 10.96
C GLY A 254 -11.17 1.65 11.44
N ALA A 255 -12.04 2.65 11.34
CA ALA A 255 -11.74 3.98 11.84
C ALA A 255 -11.54 3.97 13.36
N GLY A 256 -12.32 3.15 14.05
CA GLY A 256 -12.21 3.01 15.49
C GLY A 256 -10.89 2.38 15.85
N CYS A 257 -10.53 1.33 15.13
CA CYS A 257 -9.24 0.66 15.28
C CYS A 257 -8.11 1.66 15.11
N TRP A 258 -8.18 2.45 14.05
CA TRP A 258 -7.15 3.43 13.74
C TRP A 258 -7.05 4.47 14.85
N SER A 259 -8.19 4.99 15.28
CA SER A 259 -8.24 5.98 16.36
C SER A 259 -7.61 5.48 17.65
N ARG A 260 -7.97 4.26 18.04
CA ARG A 260 -7.51 3.70 19.30
C ARG A 260 -6.01 3.42 19.30
N ILE A 261 -5.50 2.81 18.24
CA ILE A 261 -4.09 2.43 18.21
C ILE A 261 -3.19 3.65 18.03
N LEU A 262 -3.71 4.69 17.38
CA LEU A 262 -2.94 5.93 17.21
C LEU A 262 -2.57 6.53 18.56
N ASN A 263 -3.50 6.45 19.51
CA ASN A 263 -3.25 6.90 20.87
C ASN A 263 -2.43 5.89 21.68
N GLN A 264 -2.89 4.65 21.69
CA GLN A 264 -2.36 3.65 22.63
C GLN A 264 -1.04 3.02 22.20
N ASN A 265 -0.60 3.25 20.96
CA ASN A 265 0.71 2.77 20.53
C ASN A 265 1.83 3.44 21.31
N TYR A 266 1.65 4.72 21.62
CA TYR A 266 2.64 5.40 22.43
C TYR A 266 2.42 5.11 23.91
N ILE A 267 1.16 5.13 24.33
CA ILE A 267 0.82 4.93 25.73
C ILE A 267 1.23 3.54 26.22
N ASN A 268 0.79 2.50 25.50
CA ASN A 268 1.09 1.14 25.90
C ASN A 268 2.47 0.66 25.45
N GLY A 269 2.95 1.15 24.31
CA GLY A 269 4.15 0.60 23.72
C GLY A 269 5.30 1.53 23.39
N ASN A 270 5.23 2.77 23.87
CA ASN A 270 6.30 3.75 23.67
C ASN A 270 6.63 4.01 22.19
N MET A 271 5.69 3.71 21.32
CA MET A 271 5.91 3.88 19.88
C MET A 271 5.56 5.28 19.44
N THR A 272 6.54 5.98 18.88
CA THR A 272 6.39 7.39 18.56
C THR A 272 5.98 7.64 17.12
N SER A 273 5.60 6.59 16.42
CA SER A 273 5.08 6.71 15.07
C SER A 273 4.21 5.51 14.72
N THR A 274 3.17 5.74 13.93
CA THR A 274 2.33 4.66 13.45
C THR A 274 2.05 4.84 11.97
N ILE A 275 2.30 3.79 11.18
CA ILE A 275 2.15 3.86 9.74
C ILE A 275 1.12 2.84 9.28
N ALA A 276 0.06 3.30 8.64
CA ALA A 276 -1.03 2.42 8.23
C ALA A 276 -0.78 1.77 6.87
N TRP A 277 -1.19 0.51 6.75
CA TRP A 277 -1.29 -0.14 5.47
C TRP A 277 -2.78 -0.33 5.16
N ASN A 278 -3.28 0.26 4.10
CA ASN A 278 -2.47 1.05 3.16
C ASN A 278 -2.95 2.49 3.03
N LEU A 279 -2.25 3.26 2.21
CA LEU A 279 -2.55 4.67 1.98
C LEU A 279 -3.96 4.89 1.46
N VAL A 280 -4.26 4.27 0.33
CA VAL A 280 -5.57 4.41 -0.29
C VAL A 280 -5.92 3.13 -1.03
N ALA A 281 -7.15 2.64 -0.84
CA ALA A 281 -7.58 1.43 -1.52
C ALA A 281 -7.83 1.71 -3.00
N SER A 282 -6.76 1.65 -3.79
CA SER A 282 -6.85 1.80 -5.24
C SER A 282 -6.49 0.51 -5.93
N TYR A 283 -7.14 -0.57 -5.51
CA TYR A 283 -6.97 -1.87 -6.13
C TYR A 283 -8.33 -2.57 -6.10
N TYR A 284 -8.56 -3.48 -7.04
CA TYR A 284 -9.83 -4.19 -7.14
C TYR A 284 -10.24 -4.77 -5.78
N GLU A 285 -11.43 -4.41 -5.33
CA GLU A 285 -11.88 -4.72 -3.97
C GLU A 285 -11.90 -6.23 -3.68
N GLU A 286 -12.02 -7.04 -4.73
CA GLU A 286 -12.07 -8.49 -4.57
C GLU A 286 -10.67 -9.09 -4.49
N LEU A 287 -9.64 -8.24 -4.52
CA LEU A 287 -8.28 -8.67 -4.23
C LEU A 287 -8.14 -8.79 -2.71
N PRO A 288 -7.10 -9.49 -2.22
CA PRO A 288 -6.95 -9.67 -0.77
C PRO A 288 -6.93 -8.36 0.01
N TYR A 289 -7.60 -8.35 1.16
CA TYR A 289 -7.70 -7.16 2.01
C TYR A 289 -8.29 -5.96 1.28
N GLY A 290 -9.33 -6.19 0.49
CA GLY A 290 -10.00 -5.13 -0.22
C GLY A 290 -10.49 -4.02 0.70
N ARG A 291 -10.42 -2.79 0.20
CA ARG A 291 -10.88 -1.60 0.93
C ARG A 291 -10.20 -1.42 2.29
N SER A 292 -8.93 -1.76 2.37
CA SER A 292 -8.18 -1.59 3.62
C SER A 292 -7.21 -0.41 3.54
N GLY A 293 -7.68 0.69 2.99
CA GLY A 293 -6.89 1.91 2.94
C GLY A 293 -7.56 3.02 3.72
N LEU A 294 -6.83 4.10 3.98
CA LEU A 294 -7.38 5.22 4.74
C LEU A 294 -8.59 5.83 4.02
N MET A 295 -8.60 5.72 2.70
CA MET A 295 -9.78 6.06 1.91
C MET A 295 -9.85 5.15 0.70
N THR A 296 -10.88 5.31 -0.12
CA THR A 296 -11.11 4.42 -1.25
C THR A 296 -11.07 5.16 -2.59
N ALA A 297 -10.41 4.56 -3.58
CA ALA A 297 -10.36 5.11 -4.93
C ALA A 297 -10.13 3.99 -5.94
N GLN A 298 -11.13 3.12 -6.10
CA GLN A 298 -10.98 1.93 -6.92
C GLN A 298 -11.81 1.97 -8.20
N GLU A 299 -12.12 3.18 -8.65
CA GLU A 299 -12.89 3.35 -9.88
C GLU A 299 -12.39 4.53 -10.72
N PRO A 300 -11.24 4.37 -11.38
CA PRO A 300 -10.72 5.44 -12.24
C PRO A 300 -11.59 5.66 -13.49
N TRP A 301 -12.37 4.66 -13.86
CA TRP A 301 -13.23 4.75 -15.03
C TRP A 301 -14.46 5.61 -14.77
N SER A 302 -14.89 5.68 -13.51
CA SER A 302 -16.06 6.48 -13.16
C SER A 302 -15.64 7.80 -12.50
N GLY A 303 -14.57 7.74 -11.71
CA GLY A 303 -14.10 8.92 -11.01
C GLY A 303 -14.56 8.91 -9.56
N HIS A 304 -15.38 7.93 -9.23
CA HIS A 304 -15.94 7.80 -7.89
C HIS A 304 -14.89 7.41 -6.85
N TYR A 305 -14.83 8.18 -5.76
CA TYR A 305 -13.97 7.84 -4.63
C TYR A 305 -14.65 8.16 -3.31
N VAL A 306 -14.30 7.43 -2.26
CA VAL A 306 -14.91 7.63 -0.95
C VAL A 306 -13.91 8.18 0.05
N VAL A 307 -14.20 9.36 0.60
CA VAL A 307 -13.39 9.92 1.67
C VAL A 307 -13.82 9.28 2.98
N ALA A 308 -13.29 8.08 3.22
CA ALA A 308 -13.69 7.27 4.36
C ALA A 308 -13.27 7.90 5.68
N SER A 309 -13.92 7.47 6.76
CA SER A 309 -13.69 8.04 8.09
C SER A 309 -12.26 7.97 8.66
N PRO A 310 -11.44 6.96 8.28
CA PRO A 310 -10.06 7.02 8.81
C PRO A 310 -9.31 8.28 8.40
N ILE A 311 -9.72 8.91 7.31
CA ILE A 311 -9.15 10.18 6.88
C ILE A 311 -9.27 11.24 7.99
N TRP A 312 -10.45 11.32 8.59
CA TRP A 312 -10.72 12.34 9.59
C TRP A 312 -10.22 11.93 10.97
N VAL A 313 -10.12 10.62 11.19
CA VAL A 313 -9.49 10.12 12.40
C VAL A 313 -8.03 10.55 12.42
N SER A 314 -7.38 10.43 11.27
CA SER A 314 -5.99 10.87 11.11
C SER A 314 -5.85 12.36 11.39
N ALA A 315 -6.79 13.14 10.86
CA ALA A 315 -6.77 14.60 10.98
C ALA A 315 -6.67 15.05 12.44
N HIS A 316 -7.36 14.35 13.32
CA HIS A 316 -7.36 14.66 14.76
C HIS A 316 -5.96 14.72 15.35
N THR A 317 -5.02 13.99 14.75
CA THR A 317 -3.64 14.01 15.22
C THR A 317 -2.74 14.80 14.28
N THR A 318 -2.81 14.50 12.99
CA THR A 318 -1.90 15.05 12.01
C THR A 318 -2.01 16.57 11.84
N GLN A 319 -3.23 17.08 11.80
CA GLN A 319 -3.43 18.52 11.60
C GLN A 319 -2.93 19.33 12.78
N PHE A 320 -2.78 18.68 13.93
CA PHE A 320 -2.46 19.40 15.16
C PHE A 320 -1.16 18.91 15.80
N THR A 321 -0.43 18.06 15.09
CA THR A 321 0.89 17.63 15.51
C THR A 321 1.85 17.63 14.33
N GLN A 322 3.15 17.76 14.63
CA GLN A 322 4.19 17.68 13.61
C GLN A 322 5.39 16.91 14.15
N PRO A 323 6.10 16.19 13.28
CA PRO A 323 7.37 15.56 13.67
C PRO A 323 8.31 16.59 14.28
N GLY A 324 8.80 16.32 15.48
CA GLY A 324 9.62 17.28 16.20
C GLY A 324 8.92 17.72 17.46
N TRP A 325 7.60 17.53 17.50
CA TRP A 325 6.83 17.75 18.73
C TRP A 325 7.23 16.72 19.77
N TYR A 326 6.76 16.92 20.99
CA TYR A 326 7.07 16.00 22.09
C TYR A 326 5.82 15.60 22.85
N TYR A 327 5.72 14.31 23.15
CA TYR A 327 4.67 13.85 24.06
C TYR A 327 4.96 14.38 25.46
N LEU A 328 3.90 14.64 26.22
CA LEU A 328 4.06 14.96 27.63
C LEU A 328 4.27 13.65 28.39
N LYS A 329 4.90 13.74 29.56
CA LYS A 329 5.02 12.57 30.43
C LYS A 329 3.64 12.12 30.88
N THR A 330 2.70 13.06 30.89
CA THR A 330 1.36 12.80 31.39
C THR A 330 0.40 12.37 30.28
N VAL A 331 0.43 11.08 29.96
CA VAL A 331 -0.57 10.48 29.07
C VAL A 331 -1.06 9.20 29.73
N GLY A 332 -2.20 8.68 29.29
CA GLY A 332 -2.69 7.44 29.84
C GLY A 332 -4.12 7.06 29.50
N HIS A 333 -4.63 6.08 30.23
CA HIS A 333 -5.98 5.58 30.00
C HIS A 333 -7.01 6.30 30.85
N LEU A 334 -8.26 6.26 30.41
CA LEU A 334 -9.37 6.85 31.14
C LEU A 334 -9.97 5.80 32.07
N GLU A 335 -10.51 6.26 33.20
CA GLU A 335 -11.01 5.38 34.25
C GLU A 335 -12.11 4.44 33.74
N LYS A 336 -12.97 4.95 32.88
CA LYS A 336 -14.09 4.16 32.37
C LYS A 336 -13.86 3.68 30.94
N GLY A 337 -12.60 3.65 30.52
CA GLY A 337 -12.25 3.18 29.19
C GLY A 337 -11.88 4.30 28.25
N GLY A 338 -11.01 3.99 27.30
CA GLY A 338 -10.52 4.99 26.37
C GLY A 338 -9.19 5.54 26.83
N SER A 339 -8.68 6.56 26.16
CA SER A 339 -7.36 7.06 26.46
C SER A 339 -7.18 8.52 26.04
N TYR A 340 -6.05 9.10 26.45
CA TYR A 340 -5.72 10.46 26.09
C TYR A 340 -4.21 10.61 25.94
N VAL A 341 -3.79 11.36 24.92
CA VAL A 341 -2.40 11.73 24.79
C VAL A 341 -2.32 13.25 24.70
N ALA A 342 -1.14 13.79 25.00
CA ALA A 342 -0.94 15.22 24.94
C ALA A 342 0.45 15.55 24.45
N LEU A 343 0.54 16.52 23.54
CA LEU A 343 1.83 16.87 22.94
C LEU A 343 2.04 18.37 22.95
N THR A 344 3.30 18.77 23.02
CA THR A 344 3.66 20.18 22.92
C THR A 344 4.78 20.36 21.90
N ASP A 345 4.93 21.59 21.40
CA ASP A 345 5.95 21.87 20.39
C ASP A 345 7.15 22.58 21.01
N GLY A 346 7.06 22.89 22.30
CA GLY A 346 8.10 23.63 22.98
C GLY A 346 7.96 25.12 22.74
N LEU A 347 6.91 25.50 22.02
CA LEU A 347 6.66 26.89 21.68
C LEU A 347 5.38 27.41 22.31
N GLY A 348 4.94 26.73 23.37
CA GLY A 348 3.74 27.16 24.08
C GLY A 348 2.46 26.52 23.57
N ASN A 349 2.54 25.82 22.44
CA ASN A 349 1.38 25.10 21.94
C ASN A 349 1.13 23.80 22.68
N LEU A 350 -0.13 23.37 22.70
CA LEU A 350 -0.52 22.13 23.35
C LEU A 350 -1.62 21.46 22.57
N THR A 351 -1.50 20.16 22.35
CA THR A 351 -2.54 19.40 21.69
C THR A 351 -2.94 18.20 22.54
N ILE A 352 -4.25 18.01 22.69
CA ILE A 352 -4.78 16.91 23.49
C ILE A 352 -5.67 16.04 22.63
N ILE A 353 -5.38 14.75 22.59
CA ILE A 353 -6.16 13.83 21.77
C ILE A 353 -6.79 12.75 22.62
N ILE A 354 -8.12 12.69 22.60
CA ILE A 354 -8.85 11.77 23.46
C ILE A 354 -9.74 10.85 22.63
N GLU A 355 -9.69 9.56 22.95
CA GLU A 355 -10.48 8.55 22.25
C GLU A 355 -11.21 7.65 23.25
N THR A 356 -12.43 7.26 22.92
CA THR A 356 -13.21 6.36 23.78
C THR A 356 -13.85 5.25 22.96
N MET A 357 -13.07 4.63 22.08
CA MET A 357 -13.57 3.61 21.18
C MET A 357 -14.04 2.36 21.92
N SER A 358 -15.29 1.98 21.70
CA SER A 358 -15.81 0.75 22.25
C SER A 358 -15.14 -0.46 21.61
N HIS A 359 -15.14 -1.58 22.29
CA HIS A 359 -14.52 -2.80 21.79
C HIS A 359 -15.16 -3.27 20.49
N GLN A 360 -16.49 -3.27 20.46
CA GLN A 360 -17.23 -3.79 19.32
C GLN A 360 -17.07 -2.94 18.07
N HIS A 361 -16.57 -1.71 18.22
CA HIS A 361 -16.47 -0.79 17.10
C HIS A 361 -15.04 -0.30 16.81
N SER A 362 -14.05 -1.10 17.20
CA SER A 362 -12.66 -0.73 16.97
C SER A 362 -11.78 -1.96 16.78
N MET A 363 -12.40 -3.06 16.37
CA MET A 363 -11.68 -4.31 16.19
C MET A 363 -10.75 -4.26 14.99
N CYS A 364 -9.46 -4.44 15.25
CA CYS A 364 -8.48 -4.61 14.18
C CYS A 364 -8.39 -6.08 13.82
N ILE A 365 -7.86 -6.39 12.64
CA ILE A 365 -7.73 -7.79 12.25
C ILE A 365 -6.52 -8.43 12.92
N ARG A 366 -5.58 -7.59 13.36
CA ARG A 366 -4.32 -8.09 13.88
C ARG A 366 -3.71 -7.12 14.88
N PRO A 367 -3.86 -7.41 16.18
CA PRO A 367 -4.60 -8.55 16.72
C PRO A 367 -6.03 -8.19 17.13
N TYR A 368 -6.82 -9.20 17.47
CA TYR A 368 -8.18 -8.99 17.97
C TYR A 368 -8.17 -9.01 19.49
N LEU A 369 -8.56 -7.88 20.10
CA LEU A 369 -8.51 -7.74 21.55
C LEU A 369 -9.64 -8.45 22.27
N PRO A 370 -9.35 -8.98 23.47
CA PRO A 370 -10.40 -9.50 24.36
C PRO A 370 -11.34 -8.37 24.75
N TYR A 371 -12.59 -8.69 25.07
CA TYR A 371 -13.56 -7.65 25.40
C TYR A 371 -13.07 -6.74 26.51
N TYR A 372 -13.23 -5.45 26.28
CA TYR A 372 -13.05 -4.46 27.32
C TYR A 372 -14.27 -3.55 27.26
N ASN A 373 -14.51 -2.86 28.36
CA ASN A 373 -15.73 -2.12 28.57
C ASN A 373 -15.51 -0.63 28.60
N VAL A 374 -16.38 0.10 27.91
CA VAL A 374 -16.33 1.54 27.91
C VAL A 374 -17.70 2.14 28.22
N SER A 375 -17.75 3.10 29.14
CA SER A 375 -19.03 3.68 29.56
C SER A 375 -18.99 5.20 29.66
N HIS A 376 -20.14 5.81 29.89
N HIS A 376 -20.15 5.80 29.87
CA HIS A 376 -20.20 7.25 30.12
CA HIS A 376 -20.29 7.19 30.30
C HIS A 376 -19.25 7.64 31.23
C HIS A 376 -19.21 7.62 31.27
N GLN A 377 -18.56 8.76 31.02
CA GLN A 377 -17.60 9.28 32.00
C GLN A 377 -17.32 10.77 31.89
N LEU A 378 -16.85 11.33 33.00
CA LEU A 378 -16.41 12.72 33.06
C LEU A 378 -14.91 12.76 33.27
N ALA A 379 -14.24 13.57 32.45
CA ALA A 379 -12.80 13.74 32.58
C ALA A 379 -12.49 15.19 32.89
N THR A 380 -11.73 15.41 33.96
CA THR A 380 -11.32 16.76 34.32
C THR A 380 -9.82 16.90 34.10
N PHE A 381 -9.44 17.76 33.17
CA PHE A 381 -8.03 17.97 32.87
C PHE A 381 -7.49 19.25 33.49
N THR A 382 -6.43 19.12 34.26
CA THR A 382 -5.80 20.25 34.92
C THR A 382 -4.41 20.49 34.34
N LEU A 383 -4.12 21.73 34.01
CA LEU A 383 -2.85 22.06 33.37
C LEU A 383 -1.86 22.70 34.34
N LYS A 384 -0.81 21.97 34.67
CA LYS A 384 0.25 22.49 35.53
C LYS A 384 1.46 22.88 34.71
N GLY A 385 2.48 23.40 35.37
CA GLY A 385 3.71 23.80 34.69
C GLY A 385 3.51 24.95 33.73
N SER A 386 4.25 24.93 32.63
CA SER A 386 4.21 26.01 31.65
C SER A 386 2.94 26.00 30.82
N LEU A 387 2.04 25.06 31.11
CA LEU A 387 0.76 24.97 30.40
C LEU A 387 -0.29 25.80 31.10
N ARG A 388 0.13 26.50 32.16
CA ARG A 388 -0.79 27.23 33.02
C ARG A 388 -1.46 28.41 32.34
N GLU A 389 -0.70 29.20 31.58
CA GLU A 389 -1.22 30.44 31.00
C GLU A 389 -1.95 30.22 29.69
N ILE A 390 -2.44 29.00 29.47
CA ILE A 390 -3.28 28.72 28.31
C ILE A 390 -4.72 29.10 28.64
N GLN A 391 -5.28 30.04 27.88
CA GLN A 391 -6.60 30.57 28.19
C GLN A 391 -7.70 29.94 27.35
N GLU A 392 -7.40 29.62 26.10
N GLU A 392 -7.34 29.53 26.13
CA GLU A 392 -8.40 29.06 25.21
CA GLU A 392 -8.32 29.12 25.14
C GLU A 392 -7.88 27.87 24.42
C GLU A 392 -7.86 27.89 24.35
N LEU A 393 -8.79 26.97 24.10
CA LEU A 393 -8.48 25.78 23.34
C LEU A 393 -9.52 25.56 22.25
N GLN A 394 -9.05 25.44 21.01
CA GLN A 394 -9.94 25.05 19.92
C GLN A 394 -10.38 23.61 20.14
N VAL A 395 -11.59 23.28 19.71
CA VAL A 395 -12.13 21.96 19.95
C VAL A 395 -12.58 21.29 18.65
N TRP A 396 -12.16 20.05 18.45
CA TRP A 396 -12.56 19.29 17.29
C TRP A 396 -13.17 17.97 17.75
N TYR A 397 -14.24 17.55 17.09
CA TYR A 397 -15.04 16.44 17.56
C TYR A 397 -15.43 15.49 16.45
N THR A 398 -15.38 14.19 16.73
CA THR A 398 -15.82 13.18 15.79
C THR A 398 -16.61 12.09 16.51
N LYS A 399 -17.71 11.67 15.91
CA LYS A 399 -18.52 10.58 16.45
C LYS A 399 -18.67 9.48 15.41
N LEU A 400 -18.17 8.30 15.74
CA LEU A 400 -18.26 7.15 14.85
C LEU A 400 -19.47 6.29 15.23
N GLY A 401 -20.21 5.84 14.21
CA GLY A 401 -21.38 5.03 14.44
C GLY A 401 -22.50 5.32 13.45
N GLN A 405 -25.58 7.42 11.45
CA GLN A 405 -25.60 8.16 12.70
C GLN A 405 -24.20 8.62 13.09
N ARG A 406 -23.42 9.03 12.10
CA ARG A 406 -22.06 9.48 12.33
C ARG A 406 -21.82 10.90 11.81
N LEU A 407 -20.87 11.59 12.43
CA LEU A 407 -20.44 12.92 12.00
C LEU A 407 -18.94 13.04 12.21
N HIS A 408 -18.26 13.75 11.31
CA HIS A 408 -16.80 13.69 11.28
C HIS A 408 -16.10 15.05 11.30
N PHE A 409 -15.07 15.13 12.14
CA PHE A 409 -14.16 16.29 12.22
C PHE A 409 -14.87 17.63 12.21
N LYS A 410 -15.93 17.74 13.02
CA LYS A 410 -16.67 18.99 13.14
C LYS A 410 -16.10 19.84 14.28
N GLN A 411 -15.71 21.07 13.95
CA GLN A 411 -15.16 21.98 14.95
C GLN A 411 -16.25 22.44 15.90
N LEU A 412 -15.96 22.38 17.20
CA LEU A 412 -16.91 22.82 18.21
C LEU A 412 -16.54 24.19 18.74
N ASP A 413 -17.41 24.75 19.58
CA ASP A 413 -17.19 26.07 20.16
C ASP A 413 -15.93 26.10 21.01
N THR A 414 -15.18 27.18 20.87
CA THR A 414 -13.90 27.33 21.53
C THR A 414 -14.05 27.20 23.05
N LEU A 415 -13.08 26.53 23.67
CA LEU A 415 -13.14 26.26 25.10
C LEU A 415 -12.31 27.28 25.86
N TRP A 416 -12.83 27.78 26.98
CA TRP A 416 -12.17 28.88 27.70
C TRP A 416 -11.74 28.51 29.11
N LEU A 417 -10.55 28.98 29.48
CA LEU A 417 -10.00 28.72 30.80
C LEU A 417 -9.72 30.03 31.53
N LEU A 418 -10.76 30.87 31.62
CA LEU A 418 -10.62 32.21 32.16
C LEU A 418 -10.27 32.22 33.65
N ASP A 419 -10.89 31.33 34.42
CA ASP A 419 -10.54 31.17 35.82
C ASP A 419 -9.15 30.53 35.92
N GLY A 420 -8.32 31.06 36.82
CA GLY A 420 -6.93 30.66 36.92
C GLY A 420 -6.67 29.24 37.40
N SER A 421 -7.74 28.45 37.52
CA SER A 421 -7.61 27.05 37.92
C SER A 421 -6.89 26.24 36.84
N GLY A 422 -6.96 26.73 35.60
CA GLY A 422 -6.33 26.05 34.48
C GLY A 422 -6.92 24.68 34.24
N SER A 423 -8.22 24.55 34.49
CA SER A 423 -8.89 23.25 34.40
C SER A 423 -10.17 23.32 33.58
N PHE A 424 -10.50 22.20 32.94
CA PHE A 424 -11.77 22.07 32.22
C PHE A 424 -12.31 20.66 32.40
N THR A 425 -13.55 20.44 31.97
CA THR A 425 -14.20 19.15 32.15
C THR A 425 -15.07 18.78 30.95
N LEU A 426 -14.91 17.54 30.48
CA LEU A 426 -15.72 17.05 29.37
C LEU A 426 -16.56 15.86 29.81
N GLU A 427 -17.73 15.70 29.19
CA GLU A 427 -18.44 14.44 29.30
C GLU A 427 -18.13 13.62 28.07
N LEU A 428 -17.57 12.43 28.28
CA LEU A 428 -17.14 11.59 27.17
C LEU A 428 -18.01 10.35 27.05
N GLU A 429 -18.77 10.27 25.96
CA GLU A 429 -19.50 9.05 25.65
C GLU A 429 -18.57 8.09 24.92
N GLU A 430 -19.13 7.05 24.31
CA GLU A 430 -18.30 6.04 23.64
C GLU A 430 -18.19 6.29 22.15
N ASP A 431 -17.13 5.75 21.55
CA ASP A 431 -16.85 5.91 20.13
C ASP A 431 -16.71 7.37 19.72
N GLU A 432 -15.94 8.13 20.48
CA GLU A 432 -15.78 9.56 20.22
C GLU A 432 -14.32 9.99 20.23
N ILE A 433 -14.02 11.04 19.47
CA ILE A 433 -12.69 11.65 19.48
C ILE A 433 -12.77 13.15 19.75
N PHE A 434 -11.94 13.62 20.67
CA PHE A 434 -11.80 15.05 20.91
C PHE A 434 -10.35 15.46 20.70
N THR A 435 -10.15 16.52 19.92
CA THR A 435 -8.83 17.13 19.85
C THR A 435 -8.91 18.56 20.38
N LEU A 436 -8.18 18.81 21.45
CA LEU A 436 -8.12 20.13 22.06
C LEU A 436 -6.75 20.71 21.82
N THR A 437 -6.69 21.86 21.16
CA THR A 437 -5.41 22.41 20.75
C THR A 437 -5.38 23.93 20.72
N THR A 438 -4.19 24.48 20.89
CA THR A 438 -3.97 25.93 20.80
C THR A 438 -3.71 26.34 19.35
N LEU A 439 -4.02 25.44 18.42
CA LEU A 439 -3.80 25.69 17.00
C LEU A 439 -5.08 26.12 16.30
N THR A 440 -4.97 27.14 15.46
CA THR A 440 -6.13 27.72 14.79
C THR A 440 -6.21 27.31 13.32
N THR A 441 -5.36 26.37 12.92
CA THR A 441 -5.19 26.04 11.51
C THR A 441 -6.01 24.83 11.06
N GLY A 442 -6.77 24.25 11.98
CA GLY A 442 -7.58 23.09 11.65
C GLY A 442 -8.64 23.41 10.62
N ARG A 443 -8.86 22.49 9.69
CA ARG A 443 -9.86 22.66 8.65
C ARG A 443 -10.33 21.32 8.10
N LYS A 444 -11.65 21.10 8.10
CA LYS A 444 -12.19 19.94 7.40
C LYS A 444 -12.28 20.25 5.92
N GLY A 445 -11.26 19.84 5.17
CA GLY A 445 -11.20 20.08 3.74
C GLY A 445 -12.36 19.44 3.02
N SER A 446 -12.72 20.02 1.88
CA SER A 446 -13.87 19.54 1.12
C SER A 446 -13.75 19.84 -0.36
N TYR A 447 -14.25 18.90 -1.16
CA TYR A 447 -14.39 19.09 -2.59
C TYR A 447 -15.81 18.69 -2.99
N PRO A 448 -16.31 19.20 -4.12
CA PRO A 448 -17.61 18.74 -4.62
C PRO A 448 -17.60 17.22 -4.77
N PRO A 449 -18.67 16.56 -4.27
CA PRO A 449 -18.79 15.10 -4.27
C PRO A 449 -18.53 14.48 -5.65
N PRO A 450 -17.75 13.39 -5.69
CA PRO A 450 -17.38 12.70 -6.92
C PRO A 450 -18.55 11.97 -7.58
N PRO A 451 -18.41 11.63 -8.88
CA PRO A 451 -19.46 10.89 -9.59
C PRO A 451 -19.90 9.63 -8.83
N SER A 452 -21.11 9.16 -9.09
CA SER A 452 -21.58 7.93 -8.47
C SER A 452 -20.75 6.75 -8.94
N SER A 453 -20.82 5.64 -8.22
CA SER A 453 -20.04 4.47 -8.57
C SER A 453 -20.70 3.67 -9.68
N LYS A 454 -19.95 3.47 -10.77
CA LYS A 454 -20.41 2.62 -11.86
C LYS A 454 -19.51 1.38 -11.94
N PRO A 455 -20.05 0.27 -12.45
CA PRO A 455 -19.22 -0.91 -12.68
C PRO A 455 -18.17 -0.63 -13.75
N PHE A 456 -17.19 -1.53 -13.87
CA PHE A 456 -16.23 -1.46 -14.97
C PHE A 456 -17.01 -1.58 -16.28
N PRO A 457 -16.68 -0.74 -17.26
CA PRO A 457 -17.37 -0.71 -18.56
C PRO A 457 -17.52 -2.10 -19.18
N THR A 458 -18.75 -2.44 -19.55
CA THR A 458 -19.05 -3.75 -20.12
C THR A 458 -18.49 -3.89 -21.53
N ASN A 459 -18.09 -2.77 -22.11
CA ASN A 459 -17.37 -2.78 -23.37
C ASN A 459 -16.06 -2.02 -23.23
N TYR A 460 -14.95 -2.73 -23.34
CA TYR A 460 -13.64 -2.12 -23.11
C TYR A 460 -12.63 -2.50 -24.16
N LYS A 461 -11.77 -1.55 -24.52
CA LYS A 461 -10.76 -1.78 -25.54
C LYS A 461 -9.49 -0.97 -25.26
N ASP A 462 -8.34 -1.55 -25.63
CA ASP A 462 -7.07 -0.83 -25.58
C ASP A 462 -6.15 -1.33 -26.66
N ASP A 463 -5.61 -0.41 -27.44
CA ASP A 463 -4.68 -0.74 -28.52
C ASP A 463 -3.25 -0.35 -28.15
N PHE A 464 -3.09 0.20 -26.94
CA PHE A 464 -1.80 0.58 -26.39
C PHE A 464 -1.02 1.55 -27.28
N ASN A 465 -1.71 2.22 -28.18
CA ASN A 465 -1.05 3.14 -29.10
C ASN A 465 -0.79 4.49 -28.45
N VAL A 466 0.18 4.52 -27.53
CA VAL A 466 0.61 5.73 -26.86
C VAL A 466 2.10 5.92 -27.13
N GLU A 467 2.47 7.01 -27.78
CA GLU A 467 3.85 7.22 -28.17
C GLU A 467 4.70 7.69 -27.01
N TYR A 468 4.14 8.57 -26.18
CA TYR A 468 4.83 9.05 -24.99
C TYR A 468 3.97 8.86 -23.74
N PRO A 469 3.90 7.61 -23.25
CA PRO A 469 3.10 7.30 -22.06
C PRO A 469 3.65 7.98 -20.81
N LEU A 470 2.77 8.47 -19.95
CA LEU A 470 3.18 9.10 -18.71
C LEU A 470 3.63 8.05 -17.71
N PHE A 471 2.98 6.89 -17.74
CA PHE A 471 3.36 5.77 -16.88
C PHE A 471 3.86 4.59 -17.71
N SER A 472 4.47 3.62 -17.05
CA SER A 472 5.13 2.51 -17.74
C SER A 472 4.17 1.41 -18.17
N GLU A 473 2.93 1.45 -17.67
CA GLU A 473 1.96 0.41 -18.04
C GLU A 473 0.58 0.99 -18.40
N ALA A 474 -0.10 0.29 -19.29
CA ALA A 474 -1.49 0.58 -19.63
C ALA A 474 -2.38 0.58 -18.39
N PRO A 475 -3.41 1.44 -18.38
CA PRO A 475 -4.31 1.56 -17.22
C PRO A 475 -5.18 0.33 -16.99
N ASN A 476 -5.57 0.13 -15.73
CA ASN A 476 -6.51 -0.91 -15.30
C ASN A 476 -5.97 -2.34 -15.38
N PHE A 477 -4.81 -2.53 -16.02
CA PHE A 477 -4.17 -3.84 -16.00
C PHE A 477 -3.36 -4.02 -14.72
N ALA A 478 -3.85 -4.89 -13.85
CA ALA A 478 -3.18 -5.13 -12.57
C ALA A 478 -2.40 -6.43 -12.59
N ASP A 479 -1.10 -6.33 -12.76
CA ASP A 479 -0.22 -7.51 -12.79
C ASP A 479 -0.28 -8.26 -11.47
N GLN A 480 -0.49 -9.57 -11.54
CA GLN A 480 -0.55 -10.40 -10.34
C GLN A 480 0.63 -11.36 -10.28
N THR A 481 1.28 -11.54 -11.42
CA THR A 481 2.56 -12.24 -11.51
C THR A 481 3.23 -11.80 -12.79
N GLY A 482 4.52 -11.50 -12.72
CA GLY A 482 5.23 -10.94 -13.85
C GLY A 482 5.01 -9.44 -13.92
N VAL A 483 5.53 -8.81 -14.96
CA VAL A 483 5.43 -7.36 -15.13
C VAL A 483 5.13 -7.02 -16.59
N PHE A 484 4.12 -6.19 -16.81
CA PHE A 484 3.69 -5.83 -18.16
C PHE A 484 3.91 -4.33 -18.41
N GLU A 485 4.54 -4.01 -19.54
CA GLU A 485 4.90 -2.63 -19.84
C GLU A 485 4.52 -2.20 -21.25
N TYR A 486 4.37 -0.90 -21.45
CA TYR A 486 4.25 -0.36 -22.80
C TYR A 486 5.51 -0.73 -23.57
N TYR A 487 5.34 -1.07 -24.84
CA TYR A 487 6.48 -1.43 -25.67
C TYR A 487 6.37 -0.88 -27.08
N MET A 488 7.44 -0.21 -27.53
CA MET A 488 7.48 0.32 -28.89
C MET A 488 8.42 -0.50 -29.76
N ASN A 489 7.88 -1.01 -30.87
CA ASN A 489 8.69 -1.67 -31.88
C ASN A 489 8.76 -0.79 -33.12
N ASN A 490 9.87 -0.08 -33.28
CA ASN A 490 10.00 0.96 -34.30
C ASN A 490 9.97 0.46 -35.74
N GLU A 491 10.15 -0.84 -35.95
CA GLU A 491 10.27 -1.37 -37.31
C GLU A 491 8.97 -1.98 -37.82
N ASP A 492 8.23 -2.65 -36.94
CA ASP A 492 6.89 -3.14 -37.26
C ASP A 492 5.91 -1.97 -37.27
N ARG A 493 5.05 -1.89 -38.27
CA ARG A 493 4.08 -0.80 -38.29
C ARG A 493 2.70 -1.22 -37.80
N GLU A 494 2.27 -2.44 -38.12
CA GLU A 494 0.95 -2.91 -37.71
C GLU A 494 0.90 -3.20 -36.20
N HIS A 495 2.06 -3.44 -35.60
CA HIS A 495 2.16 -3.59 -34.15
C HIS A 495 3.33 -2.76 -33.61
N ARG A 496 3.25 -1.45 -33.83
N ARG A 496 3.25 -1.46 -33.82
CA ARG A 496 4.31 -0.53 -33.41
CA ARG A 496 4.31 -0.55 -33.41
C ARG A 496 4.27 -0.28 -31.91
C ARG A 496 4.27 -0.30 -31.91
N PHE A 497 3.06 -0.33 -31.34
CA PHE A 497 2.88 -0.11 -29.92
C PHE A 497 2.10 -1.27 -29.29
N THR A 498 2.75 -1.99 -28.38
CA THR A 498 2.14 -3.16 -27.77
C THR A 498 2.30 -3.16 -26.26
N LEU A 499 1.81 -4.22 -25.62
CA LEU A 499 2.03 -4.45 -24.21
C LEU A 499 2.91 -5.68 -24.05
N ARG A 500 3.99 -5.57 -23.28
CA ARG A 500 4.98 -6.63 -23.20
C ARG A 500 5.24 -7.11 -21.78
N GLN A 501 5.23 -8.42 -21.57
CA GLN A 501 5.67 -9.01 -20.32
C GLN A 501 7.19 -9.11 -20.35
N VAL A 502 7.84 -8.47 -19.38
CA VAL A 502 9.29 -8.23 -19.50
C VAL A 502 10.18 -8.99 -18.52
N LEU A 503 9.59 -9.80 -17.64
CA LEU A 503 10.39 -10.63 -16.74
C LEU A 503 10.87 -11.89 -17.45
N ASN A 504 12.15 -12.23 -17.31
CA ASN A 504 12.68 -13.44 -17.92
C ASN A 504 13.16 -14.48 -16.89
N GLN A 505 12.92 -14.19 -15.60
CA GLN A 505 13.14 -15.19 -14.56
C GLN A 505 12.36 -14.84 -13.29
N ARG A 506 11.97 -15.87 -12.56
CA ARG A 506 11.22 -15.72 -11.31
C ARG A 506 11.97 -14.82 -10.33
N PRO A 507 11.27 -13.85 -9.73
CA PRO A 507 11.90 -12.95 -8.76
C PRO A 507 12.26 -13.68 -7.46
N ILE A 508 13.08 -13.04 -6.62
CA ILE A 508 13.20 -13.46 -5.23
C ILE A 508 11.87 -13.09 -4.59
N THR A 509 11.01 -14.09 -4.41
CA THR A 509 9.60 -13.85 -4.11
C THR A 509 9.33 -13.53 -2.64
N TRP A 510 8.30 -12.73 -2.42
CA TRP A 510 7.78 -12.43 -1.09
C TRP A 510 6.58 -13.34 -0.85
N ALA A 511 5.70 -13.41 -1.85
CA ALA A 511 4.53 -14.27 -1.80
C ALA A 511 4.74 -15.50 -2.66
N ALA A 512 3.69 -16.31 -2.81
CA ALA A 512 3.72 -17.45 -3.70
C ALA A 512 3.24 -17.03 -5.09
N ASP A 513 4.15 -16.45 -5.87
CA ASP A 513 3.84 -16.07 -7.25
C ASP A 513 3.46 -17.30 -8.06
N ALA A 514 2.62 -17.10 -9.06
CA ALA A 514 2.29 -18.18 -9.98
C ALA A 514 3.51 -18.54 -10.81
N SER A 515 3.48 -19.71 -11.44
CA SER A 515 4.56 -20.13 -12.32
C SER A 515 4.36 -19.54 -13.71
N SER A 516 3.17 -18.98 -13.93
CA SER A 516 2.85 -18.27 -15.17
C SER A 516 2.58 -16.81 -14.85
N THR A 517 2.95 -15.91 -15.75
CA THR A 517 2.65 -14.50 -15.54
C THR A 517 1.20 -14.22 -15.88
N ILE A 518 0.65 -13.15 -15.32
CA ILE A 518 -0.75 -12.82 -15.51
C ILE A 518 -1.07 -11.40 -15.04
N SER A 519 -1.92 -10.72 -15.80
CA SER A 519 -2.43 -9.41 -15.43
C SER A 519 -3.96 -9.44 -15.56
N VAL A 520 -4.66 -9.03 -14.51
CA VAL A 520 -6.12 -9.07 -14.53
C VAL A 520 -6.71 -7.69 -14.74
N ILE A 521 -7.92 -7.64 -15.27
CA ILE A 521 -8.58 -6.38 -15.57
C ILE A 521 -10.10 -6.53 -15.61
N GLY A 522 -10.80 -5.50 -15.15
CA GLY A 522 -12.24 -5.42 -15.34
C GLY A 522 -13.10 -5.49 -14.10
N ASP A 523 -14.12 -6.33 -14.16
CA ASP A 523 -15.09 -6.47 -13.09
C ASP A 523 -15.16 -7.93 -12.65
N HIS A 524 -14.82 -8.16 -11.38
CA HIS A 524 -14.82 -9.49 -10.79
C HIS A 524 -16.19 -10.18 -10.87
N HIS A 525 -17.24 -9.38 -10.91
CA HIS A 525 -18.60 -9.93 -10.94
C HIS A 525 -19.04 -10.35 -12.35
N TRP A 526 -18.18 -10.15 -13.34
CA TRP A 526 -18.47 -10.59 -14.70
C TRP A 526 -18.70 -12.09 -14.77
N THR A 527 -19.77 -12.51 -15.44
CA THR A 527 -20.11 -13.92 -15.55
C THR A 527 -19.95 -14.42 -16.98
N ASN A 528 -20.68 -13.80 -17.91
CA ASN A 528 -20.53 -14.11 -19.32
C ASN A 528 -19.69 -13.05 -20.00
N MET A 529 -18.72 -13.49 -20.80
CA MET A 529 -17.78 -12.55 -21.38
C MET A 529 -17.13 -13.08 -22.64
N THR A 530 -16.69 -12.15 -23.48
CA THR A 530 -15.90 -12.49 -24.65
C THR A 530 -14.61 -11.65 -24.62
N VAL A 531 -13.48 -12.34 -24.52
CA VAL A 531 -12.20 -11.67 -24.48
C VAL A 531 -11.44 -11.91 -25.78
N GLN A 532 -10.90 -10.85 -26.35
CA GLN A 532 -10.10 -10.95 -27.57
C GLN A 532 -8.80 -10.17 -27.44
N CYS A 533 -7.71 -10.73 -27.94
CA CYS A 533 -6.41 -10.08 -27.88
C CYS A 533 -5.47 -10.63 -28.94
N ASP A 534 -4.62 -9.77 -29.48
CA ASP A 534 -3.55 -10.20 -30.38
C ASP A 534 -2.34 -10.60 -29.56
N VAL A 535 -1.81 -11.79 -29.79
CA VAL A 535 -0.69 -12.28 -29.01
C VAL A 535 0.54 -12.59 -29.87
N TYR A 536 1.71 -12.56 -29.24
CA TYR A 536 2.97 -12.72 -29.93
C TYR A 536 3.99 -13.44 -29.03
N ILE A 537 4.31 -14.67 -29.40
CA ILE A 537 5.25 -15.49 -28.62
C ILE A 537 6.69 -15.29 -29.09
N GLU A 538 7.54 -14.81 -28.20
CA GLU A 538 8.90 -14.45 -28.59
C GLU A 538 9.91 -15.58 -28.45
N THR A 539 9.57 -16.57 -27.63
CA THR A 539 10.47 -17.70 -27.40
C THR A 539 10.11 -18.90 -28.25
N PRO A 540 11.01 -19.28 -29.19
CA PRO A 540 10.75 -20.41 -30.08
C PRO A 540 10.63 -21.76 -29.38
N ARG A 541 9.78 -22.62 -29.94
N ARG A 541 9.84 -22.66 -29.97
CA ARG A 541 9.59 -24.01 -29.50
CA ARG A 541 9.64 -24.05 -29.48
C ARG A 541 8.89 -24.15 -28.15
C ARG A 541 8.89 -24.15 -28.16
N SER A 542 9.37 -23.46 -27.13
CA SER A 542 8.84 -23.65 -25.78
C SER A 542 7.90 -22.55 -25.27
N GLY A 543 7.79 -21.46 -26.01
CA GLY A 543 6.99 -20.33 -25.58
C GLY A 543 5.49 -20.60 -25.55
N GLY A 544 4.77 -19.81 -24.76
CA GLY A 544 3.33 -19.93 -24.65
C GLY A 544 2.68 -18.70 -24.05
N VAL A 545 1.42 -18.46 -24.43
CA VAL A 545 0.65 -17.34 -23.88
C VAL A 545 -0.79 -17.76 -23.66
N PHE A 546 -1.58 -16.89 -23.03
CA PHE A 546 -2.99 -17.16 -22.87
C PHE A 546 -3.84 -15.91 -22.72
N ILE A 547 -5.14 -16.08 -22.90
CA ILE A 547 -6.12 -15.11 -22.46
C ILE A 547 -7.11 -15.85 -21.57
N ALA A 548 -7.85 -15.13 -20.74
CA ALA A 548 -8.71 -15.80 -19.78
C ALA A 548 -9.91 -14.98 -19.35
N GLY A 549 -10.93 -15.68 -18.85
CA GLY A 549 -12.09 -15.05 -18.26
C GLY A 549 -12.49 -15.75 -16.99
N ARG A 550 -13.35 -15.10 -16.21
CA ARG A 550 -13.83 -15.65 -14.94
C ARG A 550 -12.69 -15.98 -13.97
N VAL A 551 -11.62 -15.20 -14.02
CA VAL A 551 -10.51 -15.36 -13.10
C VAL A 551 -10.89 -14.83 -11.71
N ASN A 552 -11.03 -15.72 -10.75
CA ASN A 552 -11.68 -15.38 -9.48
C ASN A 552 -10.76 -14.92 -8.36
N LYS A 553 -9.46 -15.20 -8.47
CA LYS A 553 -8.52 -14.82 -7.41
C LYS A 553 -7.27 -14.13 -7.94
N GLY A 554 -6.69 -13.28 -7.10
CA GLY A 554 -5.46 -12.60 -7.41
C GLY A 554 -4.68 -12.30 -6.15
N GLY A 555 -3.66 -11.45 -6.26
CA GLY A 555 -2.85 -11.09 -5.12
C GLY A 555 -2.01 -12.23 -4.59
N ILE A 556 -1.91 -12.34 -3.27
CA ILE A 556 -1.15 -13.43 -2.65
C ILE A 556 -1.83 -14.77 -2.91
N LEU A 557 -3.08 -14.71 -3.39
CA LEU A 557 -3.84 -15.90 -3.73
C LEU A 557 -3.79 -16.22 -5.23
N ILE A 558 -2.84 -15.63 -5.95
CA ILE A 558 -2.83 -15.73 -7.42
C ILE A 558 -2.65 -17.17 -7.92
N ARG A 559 -1.89 -17.99 -7.20
CA ARG A 559 -1.72 -19.40 -7.56
C ARG A 559 -3.04 -20.17 -7.41
N SER A 560 -3.98 -19.57 -6.68
CA SER A 560 -5.26 -20.21 -6.42
C SER A 560 -6.26 -19.99 -7.55
N ALA A 561 -5.92 -19.08 -8.47
CA ALA A 561 -6.86 -18.58 -9.46
C ALA A 561 -7.47 -19.66 -10.33
N THR A 562 -8.78 -19.70 -10.38
CA THR A 562 -9.50 -20.54 -11.33
C THR A 562 -10.22 -19.67 -12.34
N GLY A 563 -10.82 -20.31 -13.34
CA GLY A 563 -11.51 -19.61 -14.40
C GLY A 563 -11.46 -20.42 -15.67
N VAL A 564 -11.42 -19.76 -16.81
CA VAL A 564 -11.26 -20.44 -18.08
C VAL A 564 -10.04 -19.88 -18.80
N PHE A 565 -9.04 -20.73 -19.02
CA PHE A 565 -7.76 -20.27 -19.56
C PHE A 565 -7.47 -20.87 -20.93
N PHE A 566 -7.37 -20.01 -21.93
CA PHE A 566 -7.11 -20.42 -23.31
C PHE A 566 -5.64 -20.24 -23.65
N TRP A 567 -4.87 -21.33 -23.62
CA TRP A 567 -3.44 -21.27 -23.89
C TRP A 567 -3.11 -21.65 -25.34
N ILE A 568 -2.09 -21.02 -25.89
CA ILE A 568 -1.48 -21.52 -27.13
C ILE A 568 0.04 -21.55 -26.96
N PHE A 569 0.66 -22.56 -27.57
CA PHE A 569 2.10 -22.76 -27.41
C PHE A 569 2.81 -22.80 -28.75
N ALA A 570 4.09 -22.41 -28.75
CA ALA A 570 4.88 -22.30 -29.97
C ALA A 570 5.27 -23.67 -30.54
N ASN A 571 4.90 -24.74 -29.86
CA ASN A 571 5.18 -26.08 -30.36
C ASN A 571 4.01 -26.61 -31.20
N GLY A 572 3.04 -25.75 -31.45
CA GLY A 572 1.91 -26.10 -32.28
C GLY A 572 0.81 -26.83 -31.51
N SER A 573 0.42 -26.27 -30.38
CA SER A 573 -0.64 -26.87 -29.57
C SER A 573 -1.39 -25.82 -28.76
N TYR A 574 -2.51 -26.23 -28.17
CA TYR A 574 -3.31 -25.36 -27.33
C TYR A 574 -3.90 -26.14 -26.15
N ARG A 575 -4.28 -25.42 -25.10
N ARG A 575 -4.29 -25.41 -25.11
CA ARG A 575 -4.93 -26.02 -23.94
CA ARG A 575 -4.95 -26.01 -23.97
C ARG A 575 -6.02 -25.11 -23.40
C ARG A 575 -6.04 -25.10 -23.42
N VAL A 576 -7.06 -25.71 -22.85
CA VAL A 576 -8.11 -24.97 -22.16
C VAL A 576 -8.20 -25.50 -20.74
N THR A 577 -7.83 -24.69 -19.76
CA THR A 577 -7.78 -25.16 -18.37
C THR A 577 -8.74 -24.40 -17.46
N ALA A 578 -9.04 -25.01 -16.32
CA ALA A 578 -9.90 -24.40 -15.33
C ALA A 578 -9.09 -23.61 -14.31
N ASP A 579 -7.77 -23.77 -14.34
CA ASP A 579 -6.91 -23.13 -13.36
C ASP A 579 -5.64 -22.56 -14.00
N LEU A 580 -5.10 -21.52 -13.39
CA LEU A 580 -3.87 -20.90 -13.86
C LEU A 580 -2.69 -21.86 -13.81
N GLY A 581 -2.73 -22.79 -12.86
CA GLY A 581 -1.68 -23.78 -12.69
C GLY A 581 -1.74 -24.87 -13.73
N GLY A 582 -2.84 -24.94 -14.46
CA GLY A 582 -2.98 -25.86 -15.57
C GLY A 582 -3.16 -27.32 -15.18
N TRP A 583 -3.67 -27.56 -13.98
CA TRP A 583 -3.89 -28.92 -13.50
C TRP A 583 -5.20 -29.51 -14.03
N ILE A 584 -6.18 -28.67 -14.27
CA ILE A 584 -7.51 -29.14 -14.68
C ILE A 584 -7.83 -28.79 -16.13
N THR A 585 -8.02 -29.81 -16.96
CA THR A 585 -8.22 -29.61 -18.40
C THR A 585 -9.68 -29.56 -18.82
N TYR A 586 -10.05 -28.50 -19.54
CA TYR A 586 -11.37 -28.40 -20.18
C TYR A 586 -11.29 -28.95 -21.59
N ALA A 587 -10.22 -28.61 -22.30
CA ALA A 587 -9.99 -29.08 -23.66
C ALA A 587 -8.51 -28.91 -24.04
N SER A 588 -8.06 -29.72 -25.00
CA SER A 588 -6.68 -29.63 -25.48
C SER A 588 -6.55 -30.20 -26.89
N GLY A 589 -5.52 -29.79 -27.61
CA GLY A 589 -5.30 -30.29 -28.95
C GLY A 589 -4.24 -29.53 -29.73
N HIS A 590 -4.20 -29.74 -31.04
CA HIS A 590 -3.20 -29.13 -31.89
C HIS A 590 -3.69 -27.80 -32.48
N ALA A 591 -2.74 -26.98 -32.92
CA ALA A 591 -3.06 -25.69 -33.51
C ALA A 591 -1.89 -25.20 -34.35
N ASP A 592 -2.18 -24.48 -35.42
CA ASP A 592 -1.14 -23.93 -36.29
C ASP A 592 -0.54 -22.69 -35.65
N VAL A 593 0.25 -22.89 -34.60
CA VAL A 593 0.86 -21.80 -33.86
C VAL A 593 2.37 -21.98 -33.75
N THR A 594 3.12 -20.93 -34.09
CA THR A 594 4.56 -20.94 -33.94
C THR A 594 4.99 -19.65 -33.24
N ALA A 595 6.28 -19.52 -32.97
CA ALA A 595 6.80 -18.34 -32.30
C ALA A 595 7.04 -17.19 -33.28
N LYS A 596 7.17 -15.99 -32.74
CA LYS A 596 7.45 -14.79 -33.52
C LYS A 596 6.45 -14.58 -34.65
N ARG A 597 5.18 -14.74 -34.34
CA ARG A 597 4.10 -14.53 -35.30
C ARG A 597 2.86 -14.08 -34.58
N TRP A 598 2.22 -13.01 -35.06
CA TRP A 598 1.05 -12.48 -34.39
C TRP A 598 -0.19 -13.32 -34.67
N TYR A 599 -0.92 -13.64 -33.60
CA TYR A 599 -2.19 -14.35 -33.73
C TYR A 599 -3.28 -13.57 -33.01
N THR A 600 -4.52 -13.75 -33.44
CA THR A 600 -5.65 -13.14 -32.74
C THR A 600 -6.43 -14.22 -32.00
N LEU A 601 -6.41 -14.15 -30.68
CA LEU A 601 -7.13 -15.09 -29.85
C LEU A 601 -8.46 -14.50 -29.42
N THR A 602 -9.51 -15.30 -29.54
CA THR A 602 -10.82 -14.92 -29.02
C THR A 602 -11.33 -16.00 -28.09
N LEU A 603 -11.82 -15.59 -26.93
CA LEU A 603 -12.37 -16.52 -25.96
C LEU A 603 -13.76 -16.08 -25.53
N GLY A 604 -14.75 -16.91 -25.80
CA GLY A 604 -16.11 -16.62 -25.44
C GLY A 604 -16.60 -17.56 -24.36
N ILE A 605 -17.19 -17.00 -23.29
CA ILE A 605 -17.70 -17.81 -22.20
C ILE A 605 -19.12 -17.40 -21.85
N LYS A 606 -20.05 -18.34 -21.95
CA LYS A 606 -21.44 -18.08 -21.58
C LYS A 606 -22.05 -19.31 -20.90
N GLY A 607 -22.50 -19.12 -19.67
CA GLY A 607 -23.09 -20.20 -18.91
C GLY A 607 -22.16 -21.38 -18.71
N TYR A 608 -22.62 -22.56 -19.09
CA TYR A 608 -21.87 -23.79 -18.91
C TYR A 608 -20.89 -24.08 -20.04
N PHE A 609 -20.85 -23.21 -21.04
CA PHE A 609 -20.08 -23.52 -22.24
C PHE A 609 -19.18 -22.38 -22.71
N ALA A 610 -18.06 -22.75 -23.32
CA ALA A 610 -17.11 -21.78 -23.85
C ALA A 610 -16.59 -22.20 -25.23
N PHE A 611 -16.12 -21.23 -26.01
CA PHE A 611 -15.49 -21.52 -27.28
C PHE A 611 -14.21 -20.70 -27.45
N GLY A 612 -13.32 -21.17 -28.31
CA GLY A 612 -12.08 -20.45 -28.58
C GLY A 612 -11.84 -20.25 -30.06
N MET A 613 -11.36 -19.06 -30.43
CA MET A 613 -11.11 -18.74 -31.82
C MET A 613 -9.64 -18.39 -32.06
N LEU A 614 -9.15 -18.75 -33.24
CA LEU A 614 -7.79 -18.43 -33.65
C LEU A 614 -7.83 -17.76 -35.02
N ASN A 615 -7.43 -16.49 -35.06
CA ASN A 615 -7.53 -15.67 -36.26
C ASN A 615 -8.95 -15.65 -36.83
N GLY A 616 -9.94 -15.64 -35.94
CA GLY A 616 -11.34 -15.56 -36.35
C GLY A 616 -11.93 -16.89 -36.79
N THR A 617 -11.22 -17.98 -36.53
CA THR A 617 -11.71 -19.31 -36.88
C THR A 617 -11.83 -20.19 -35.66
N ILE A 618 -12.97 -20.88 -35.53
CA ILE A 618 -13.26 -21.72 -34.39
C ILE A 618 -12.22 -22.84 -34.20
N LEU A 619 -11.55 -22.80 -33.06
CA LEU A 619 -10.58 -23.83 -32.70
C LEU A 619 -11.26 -24.89 -31.86
N TRP A 620 -12.12 -24.44 -30.94
CA TRP A 620 -12.94 -25.33 -30.12
C TRP A 620 -14.25 -24.64 -29.79
N LYS A 621 -15.29 -25.43 -29.56
CA LYS A 621 -16.63 -24.87 -29.40
C LYS A 621 -17.49 -25.73 -28.48
N ASN A 622 -18.42 -25.08 -27.77
CA ASN A 622 -19.34 -25.76 -26.84
C ASN A 622 -18.59 -26.61 -25.82
N VAL A 623 -17.44 -26.13 -25.38
CA VAL A 623 -16.68 -26.84 -24.36
C VAL A 623 -17.25 -26.49 -22.98
N ARG A 624 -17.53 -27.55 -22.21
CA ARG A 624 -18.21 -27.42 -20.93
C ARG A 624 -17.30 -26.89 -19.82
N VAL A 625 -17.73 -25.81 -19.18
CA VAL A 625 -17.01 -25.23 -18.05
C VAL A 625 -17.90 -25.18 -16.82
N LYS A 626 -17.31 -24.99 -15.65
CA LYS A 626 -18.08 -24.92 -14.42
C LYS A 626 -18.93 -23.66 -14.37
N TYR A 627 -20.19 -23.83 -13.97
CA TYR A 627 -21.12 -22.71 -13.84
C TYR A 627 -22.06 -22.99 -12.67
N PRO A 628 -22.38 -21.95 -11.87
CA PRO A 628 -21.98 -20.54 -11.98
C PRO A 628 -20.50 -20.28 -11.74
N GLY A 629 -20.01 -19.15 -12.24
CA GLY A 629 -18.63 -18.77 -12.09
C GLY A 629 -18.44 -17.34 -12.56
N HIS A 630 -17.55 -16.61 -11.89
CA HIS A 630 -17.32 -15.21 -12.22
C HIS A 630 -15.85 -14.84 -12.00
N GLY A 631 -15.46 -13.66 -12.47
CA GLY A 631 -14.09 -13.20 -12.32
C GLY A 631 -13.65 -12.23 -13.41
N TRP A 632 -12.40 -11.78 -13.32
CA TRP A 632 -11.85 -10.82 -14.27
C TRP A 632 -11.49 -11.44 -15.60
N ALA A 633 -11.15 -10.58 -16.55
CA ALA A 633 -10.48 -10.99 -17.77
C ALA A 633 -8.98 -10.91 -17.52
N ALA A 634 -8.18 -11.68 -18.26
CA ALA A 634 -6.74 -11.68 -18.05
C ALA A 634 -5.95 -12.06 -19.28
N ILE A 635 -4.67 -11.67 -19.27
CA ILE A 635 -3.71 -12.08 -20.28
C ILE A 635 -2.46 -12.58 -19.55
N GLY A 636 -1.61 -13.33 -20.23
CA GLY A 636 -0.39 -13.80 -19.61
C GLY A 636 0.48 -14.70 -20.45
N THR A 637 1.57 -15.18 -19.83
CA THR A 637 2.54 -16.03 -20.50
C THR A 637 2.74 -17.33 -19.72
N HIS A 638 3.19 -18.38 -20.39
CA HIS A 638 3.30 -19.69 -19.76
C HIS A 638 4.31 -19.70 -18.60
N THR A 639 5.43 -19.00 -18.79
CA THR A 639 6.40 -18.84 -17.72
C THR A 639 6.90 -17.40 -17.70
N PHE A 640 7.98 -17.14 -16.99
CA PHE A 640 8.61 -15.83 -17.01
C PHE A 640 9.37 -15.69 -18.32
N GLU A 641 8.66 -15.21 -19.34
CA GLU A 641 9.18 -15.15 -20.71
C GLU A 641 8.65 -13.91 -21.44
N PHE A 642 9.40 -13.43 -22.42
CA PHE A 642 8.96 -12.28 -23.20
C PHE A 642 7.80 -12.65 -24.12
N ALA A 643 6.81 -11.77 -24.17
CA ALA A 643 5.68 -11.92 -25.09
C ALA A 643 5.00 -10.58 -25.25
N GLN A 644 4.29 -10.41 -26.35
CA GLN A 644 3.63 -9.13 -26.63
C GLN A 644 2.14 -9.29 -26.87
N PHE A 645 1.39 -8.25 -26.54
CA PHE A 645 -0.06 -8.26 -26.65
C PHE A 645 -0.51 -6.95 -27.30
N ASP A 646 -1.57 -7.01 -28.09
CA ASP A 646 -2.09 -5.82 -28.74
C ASP A 646 -3.59 -5.94 -29.00
N ASN A 647 -4.23 -4.78 -29.15
CA ASN A 647 -5.65 -4.71 -29.49
C ASN A 647 -6.53 -5.53 -28.56
N PHE A 648 -6.46 -5.23 -27.27
CA PHE A 648 -7.25 -5.95 -26.28
C PHE A 648 -8.69 -5.47 -26.28
N ARG A 649 -9.62 -6.41 -26.28
CA ARG A 649 -11.05 -6.09 -26.23
C ARG A 649 -11.78 -7.04 -25.29
N VAL A 650 -12.75 -6.51 -24.56
CA VAL A 650 -13.61 -7.37 -23.76
C VAL A 650 -15.05 -6.84 -23.74
N GLU A 651 -15.99 -7.76 -23.96
CA GLU A 651 -17.41 -7.47 -23.79
C GLU A 651 -17.98 -8.47 -22.80
N ALA A 652 -18.64 -7.96 -21.75
CA ALA A 652 -19.07 -8.83 -20.66
C ALA A 652 -20.37 -8.38 -20.01
N ALA A 653 -20.93 -9.26 -19.19
CA ALA A 653 -22.14 -8.97 -18.43
C ALA A 653 -22.03 -9.56 -17.04
N ARG A 654 -22.57 -8.84 -16.05
CA ARG A 654 -22.56 -9.31 -14.66
C ARG A 654 -23.99 -9.47 -14.14
C1 NAG B . 7.15 3.43 28.12
C2 NAG B . 8.17 4.05 29.07
C3 NAG B . 7.88 3.66 30.52
C4 NAG B . 6.40 3.75 30.89
C5 NAG B . 5.52 3.20 29.77
C6 NAG B . 4.04 3.47 29.97
C7 NAG B . 10.39 4.43 28.07
C8 NAG B . 9.92 5.82 27.75
N2 NAG B . 9.51 3.65 28.70
O3 NAG B . 8.64 4.51 31.38
O4 NAG B . 6.20 2.97 32.05
O5 NAG B . 5.87 3.80 28.52
O6 NAG B . 3.25 2.65 29.10
O7 NAG B . 11.51 4.04 27.77
C1 NAG B . 5.57 3.62 33.17
C2 NAG B . 6.17 4.99 33.52
C3 NAG B . 5.43 5.64 34.69
C4 NAG B . 3.93 5.60 34.49
C5 NAG B . 3.49 4.17 34.17
C6 NAG B . 2.02 4.03 33.90
C7 NAG B . 8.43 5.88 34.02
C8 NAG B . 9.84 5.53 34.35
N2 NAG B . 7.59 4.85 33.84
O3 NAG B . 5.84 6.99 34.84
O4 NAG B . 3.26 6.04 35.66
O5 NAG B . 4.17 3.76 32.98
O6 NAG B . 1.67 2.67 33.66
O7 NAG B . 8.06 7.05 33.90
C1 NAG C . 2.17 27.64 18.03
C2 NAG C . 3.07 28.78 18.55
C3 NAG C . 3.18 29.92 17.52
C4 NAG C . 3.49 29.38 16.13
C5 NAG C . 2.48 28.31 15.76
C6 NAG C . 2.70 27.69 14.41
C7 NAG C . 1.35 29.88 19.96
C8 NAG C . 1.03 30.36 21.34
N2 NAG C . 2.57 29.31 19.81
O3 NAG C . 4.21 30.81 17.93
O4 NAG C . 3.40 30.45 15.19
O5 NAG C . 2.57 27.26 16.73
O6 NAG C . 4.03 27.16 14.28
O7 NAG C . 0.56 29.99 19.04
C1 NAG C . 4.62 30.62 14.45
C2 NAG C . 4.32 31.44 13.19
C3 NAG C . 5.60 31.69 12.40
C4 NAG C . 6.67 32.30 13.30
C5 NAG C . 6.88 31.43 14.53
C6 NAG C . 7.87 32.00 15.52
C7 NAG C . 2.02 30.92 12.48
C8 NAG C . 1.17 30.15 11.53
N2 NAG C . 3.34 30.75 12.36
O3 NAG C . 5.32 32.57 11.32
O4 NAG C . 7.90 32.43 12.59
O5 NAG C . 5.63 31.28 15.22
O6 NAG C . 8.03 31.15 16.65
O7 NAG C . 1.55 31.68 13.33
C1 NAG D . -24.99 -15.78 -18.60
C2 NAG D . -26.22 -15.06 -18.03
C3 NAG D . -27.19 -16.06 -17.42
C4 NAG D . -27.52 -17.16 -18.42
C5 NAG D . -26.23 -17.80 -18.93
C6 NAG D . -26.46 -18.84 -20.00
C7 NAG D . -25.66 -12.77 -17.31
C8 NAG D . -25.24 -11.90 -16.16
N2 NAG D . -25.80 -14.07 -17.04
O3 NAG D . -28.38 -15.38 -17.03
O4 NAG D . -28.33 -18.16 -17.79
O5 NAG D . -25.41 -16.77 -19.53
O6 NAG D . -27.39 -18.39 -20.97
O7 NAG D . -25.87 -12.32 -18.43
C1 NAG D . -29.60 -18.21 -18.46
C2 NAG D . -30.43 -19.34 -17.85
C3 NAG D . -31.80 -19.41 -18.52
C4 NAG D . -32.48 -18.06 -18.50
C5 NAG D . -31.55 -17.00 -19.11
C6 NAG D . -32.12 -15.61 -19.05
C7 NAG D . -28.84 -21.04 -17.06
C8 NAG D . -28.21 -22.37 -17.35
N2 NAG D . -29.73 -20.61 -17.96
O3 NAG D . -32.60 -20.36 -17.83
O4 NAG D . -33.69 -18.10 -19.25
O5 NAG D . -30.31 -16.98 -18.37
O6 NAG D . -32.24 -15.15 -17.70
O7 NAG D . -28.54 -20.38 -16.08
C GIF E . 2.43 -6.69 4.39
N GIF E . 1.99 -6.83 5.80
O GIF E . -2.35 -7.38 6.47
C1 GIF E . 1.38 -6.11 3.47
O1 GIF E . 0.16 -8.03 3.19
C2 GIF E . 0.06 -6.72 3.64
O2 GIF E . 1.82 -6.27 2.16
C3 GIF E . -0.40 -6.74 5.06
C4 GIF E . 0.64 -7.36 5.97
C5 GIF E . -1.74 -7.46 5.23
NI NI F . -16.13 -13.89 -6.15
CA CA G . -1.15 -1.29 -30.77
NI NI H . 22.56 9.44 -10.56
O1 PG4 I . 2.42 -10.25 13.75
C1 PG4 I . 3.15 -9.75 12.58
C2 PG4 I . 2.17 -9.62 11.39
O2 PG4 I . 2.92 -9.88 10.19
C3 PG4 I . 2.14 -9.78 8.98
C4 PG4 I . 0.92 -10.71 9.09
O3 PG4 I . 0.98 -11.69 8.06
C5 PG4 I . 0.22 -12.83 8.37
C6 PG4 I . 1.14 -14.07 8.39
O4 PG4 I . 1.09 -14.64 7.07
C7 PG4 I . 1.65 -15.96 7.01
C8 PG4 I . 3.07 -15.86 6.37
O5 PG4 I . 3.01 -16.44 5.06
C1 NAG J . -19.51 -1.68 31.74
C2 NAG J . -20.50 -2.75 32.22
C3 NAG J . -21.74 -2.08 32.79
C4 NAG J . -21.39 -1.19 33.96
C5 NAG J . -20.52 -0.05 33.45
C6 NAG J . -20.09 0.89 34.56
C7 NAG J . -20.30 -4.83 30.86
C8 NAG J . -20.92 -5.60 29.71
N2 NAG J . -20.90 -3.68 31.16
O3 NAG J . -22.64 -3.09 33.22
O4 NAG J . -22.62 -0.60 34.34
O5 NAG J . -19.34 -0.58 32.83
O6 NAG J . -18.74 0.72 34.93
O7 NAG J . -19.32 -5.23 31.45
#